data_5UA0
#
_entry.id   5UA0
#
_cell.length_a   124.549
_cell.length_b   80.620
_cell.length_c   92.790
_cell.angle_alpha   90.000
_cell.angle_beta   95.840
_cell.angle_gamma   90.000
#
_symmetry.space_group_name_H-M   'C 1 2 1'
#
loop_
_entity.id
_entity.type
_entity.pdbx_description
1 polymer '4-hydroxy-tetrahydrodipicolinate reductase 2, chloroplastic'
2 non-polymer 'SULFATE ION'
3 water water
#
_entity_poly.entity_id   1
_entity_poly.type   'polypeptide(L)'
_entity_poly.pdbx_seq_one_letter_code
;MHHHHHHGLPIPNPLLGLDSTENLYFQGIDPFTLSMGKSETFEEAGNSVAPGNGISIMVNGCSGKMGKAVIKAADSAGVN
IVPTSFGSVEEAGQTVEVCGKEILVHGPTEREKVLSSVFEKYPELIVVDYTIPSAVNDNAELYGKVGVPFVMGTTGGDRT
RLYKTVEESKIYAVISPQMGKQVVAFLAAMEIMSEQFPGAFAGYSLEVMESHQASKLDASGTAKAVISCFQKLGVSYDMD
QIQLIRDPKQQIEVVGVPEEHVSGHAFHLYHLTSPDKTVSFEFQHNVCGRSIYAEGTVDAVLFLAKKIRSKAEKRIYNMI
DVLREGNMR
;
_entity_poly.pdbx_strand_id   A,B,C
#
loop_
_chem_comp.id
_chem_comp.type
_chem_comp.name
_chem_comp.formula
SO4 non-polymer 'SULFATE ION' 'O4 S -2'
#
# COMPACT_ATOMS: atom_id res chain seq x y z
N GLY A 54 -27.21 -13.82 17.12
CA GLY A 54 -26.65 -12.79 18.06
C GLY A 54 -25.19 -12.44 17.89
N ILE A 55 -24.63 -12.75 16.71
CA ILE A 55 -23.25 -12.43 16.39
C ILE A 55 -23.29 -11.51 15.19
N SER A 56 -22.42 -10.52 15.20
CA SER A 56 -22.26 -9.61 14.07
C SER A 56 -20.81 -9.66 13.63
N ILE A 57 -20.58 -9.54 12.33
CA ILE A 57 -19.23 -9.44 11.81
C ILE A 57 -19.01 -8.25 10.90
N MET A 58 -17.78 -7.74 10.96
CA MET A 58 -17.27 -6.77 10.01
C MET A 58 -16.36 -7.53 9.07
N VAL A 59 -16.63 -7.45 7.78
CA VAL A 59 -15.77 -8.03 6.78
C VAL A 59 -14.81 -7.00 6.17
N ASN A 60 -13.59 -6.98 6.70
CA ASN A 60 -12.50 -6.22 6.14
C ASN A 60 -11.91 -6.97 4.96
N GLY A 61 -11.96 -6.34 3.80
CA GLY A 61 -11.78 -6.95 2.51
C GLY A 61 -13.08 -7.34 1.83
N CYS A 62 -14.20 -6.70 2.19
CA CYS A 62 -15.48 -7.03 1.57
C CYS A 62 -15.55 -6.76 0.06
N SER A 63 -14.66 -5.93 -0.51
CA SER A 63 -14.67 -5.69 -1.96
C SER A 63 -14.05 -6.79 -2.82
N GLY A 64 -13.41 -7.77 -2.18
CA GLY A 64 -12.77 -8.85 -2.91
C GLY A 64 -13.67 -10.04 -3.08
N LYS A 65 -13.25 -10.95 -3.94
CA LYS A 65 -13.97 -12.20 -4.19
C LYS A 65 -14.19 -13.02 -2.90
N MET A 66 -13.19 -13.06 -2.03
CA MET A 66 -13.30 -13.85 -0.78
C MET A 66 -14.20 -13.22 0.27
N GLY A 67 -14.09 -11.91 0.44
CA GLY A 67 -14.98 -11.17 1.34
C GLY A 67 -16.44 -11.32 0.96
N LYS A 68 -16.71 -11.31 -0.33
CA LYS A 68 -18.06 -11.50 -0.81
C LYS A 68 -18.60 -12.87 -0.44
N ALA A 69 -17.77 -13.89 -0.65
CA ALA A 69 -18.14 -15.28 -0.30
C ALA A 69 -18.37 -15.45 1.18
N VAL A 70 -17.55 -14.78 1.98
CA VAL A 70 -17.75 -14.79 3.45
C VAL A 70 -19.10 -14.18 3.82
N ILE A 71 -19.43 -13.07 3.18
CA ILE A 71 -20.69 -12.37 3.46
C ILE A 71 -21.87 -13.30 3.16
N LYS A 72 -21.88 -13.88 1.96
CA LYS A 72 -22.90 -14.88 1.58
C LYS A 72 -23.04 -15.97 2.64
N ALA A 73 -21.93 -16.61 2.98
CA ALA A 73 -21.95 -17.71 3.92
C ALA A 73 -22.44 -17.28 5.28
N ALA A 74 -21.90 -16.20 5.81
CA ALA A 74 -22.30 -15.70 7.12
C ALA A 74 -23.80 -15.36 7.13
N ASP A 75 -24.28 -14.82 6.02
CA ASP A 75 -25.68 -14.49 5.90
C ASP A 75 -26.55 -15.76 5.93
N SER A 76 -26.22 -16.78 5.14
CA SER A 76 -26.89 -18.10 5.22
C SER A 76 -26.95 -18.68 6.62
N ALA A 77 -25.90 -18.50 7.41
CA ALA A 77 -25.85 -18.96 8.79
C ALA A 77 -26.55 -18.03 9.80
N GLY A 78 -27.22 -16.98 9.33
CA GLY A 78 -27.85 -16.03 10.21
C GLY A 78 -26.95 -15.11 11.01
N VAL A 79 -25.69 -14.91 10.58
CA VAL A 79 -24.81 -13.94 11.21
C VAL A 79 -25.09 -12.57 10.63
N ASN A 80 -25.21 -11.59 11.52
CA ASN A 80 -25.42 -10.20 11.11
C ASN A 80 -24.15 -9.57 10.55
N ILE A 81 -24.33 -8.76 9.51
CA ILE A 81 -23.25 -8.13 8.77
C ILE A 81 -23.29 -6.61 8.96
N VAL A 82 -22.31 -6.07 9.68
CA VAL A 82 -22.29 -4.63 9.91
C VAL A 82 -22.08 -3.88 8.60
N PRO A 83 -22.84 -2.79 8.35
CA PRO A 83 -22.74 -2.07 7.06
C PRO A 83 -21.48 -1.17 6.93
N THR A 84 -20.38 -1.61 7.55
CA THR A 84 -19.22 -0.78 7.69
C THR A 84 -17.96 -1.63 7.50
N SER A 85 -16.93 -1.04 6.92
CA SER A 85 -15.70 -1.78 6.65
C SER A 85 -14.53 -0.82 6.53
N PHE A 86 -13.35 -1.41 6.51
CA PHE A 86 -12.07 -0.74 6.34
C PHE A 86 -11.30 -1.33 5.17
N GLY A 87 -10.62 -0.45 4.48
CA GLY A 87 -10.02 -0.76 3.20
C GLY A 87 -8.88 0.20 3.00
N SER A 88 -8.39 0.22 1.79
CA SER A 88 -7.29 1.06 1.40
C SER A 88 -7.74 2.48 1.10
N VAL A 89 -6.78 3.35 0.90
CA VAL A 89 -7.07 4.71 0.50
C VAL A 89 -7.93 4.71 -0.76
N GLU A 90 -7.62 3.84 -1.72
CA GLU A 90 -8.34 3.81 -3.01
C GLU A 90 -9.81 3.44 -2.83
N GLU A 91 -10.08 2.54 -1.88
CA GLU A 91 -11.43 2.10 -1.55
C GLU A 91 -12.23 3.03 -0.59
N ALA A 92 -11.58 4.05 0.01
CA ALA A 92 -12.22 4.91 0.99
C ALA A 92 -13.39 5.63 0.37
N GLY A 93 -14.57 5.53 0.98
CA GLY A 93 -15.80 6.18 0.49
C GLY A 93 -16.75 5.34 -0.34
N GLN A 94 -16.24 4.23 -0.86
CA GLN A 94 -17.01 3.40 -1.77
C GLN A 94 -18.01 2.54 -0.97
N THR A 95 -19.14 2.23 -1.57
CA THR A 95 -20.12 1.31 -1.01
C THR A 95 -20.04 0.01 -1.80
N VAL A 96 -20.11 -1.10 -1.08
CA VAL A 96 -20.00 -2.43 -1.65
C VAL A 96 -21.37 -3.10 -1.58
N GLU A 97 -21.98 -3.34 -2.76
CA GLU A 97 -23.30 -4.01 -2.83
C GLU A 97 -23.07 -5.50 -2.88
N VAL A 98 -23.50 -6.23 -1.85
CA VAL A 98 -23.25 -7.68 -1.74
C VAL A 98 -24.37 -8.34 -0.97
N CYS A 99 -25.03 -9.33 -1.58
CA CYS A 99 -25.97 -10.20 -0.86
C CYS A 99 -27.13 -9.40 -0.25
N GLY A 100 -27.57 -8.36 -0.97
CA GLY A 100 -28.53 -7.38 -0.44
C GLY A 100 -27.97 -6.34 0.52
N LYS A 101 -26.74 -6.53 1.03
CA LYS A 101 -26.13 -5.59 1.96
C LYS A 101 -25.41 -4.48 1.19
N GLU A 102 -25.40 -3.28 1.79
CA GLU A 102 -24.58 -2.15 1.32
C GLU A 102 -23.56 -1.89 2.42
N ILE A 103 -22.26 -2.04 2.11
CA ILE A 103 -21.23 -1.83 3.11
C ILE A 103 -20.39 -0.60 2.74
N LEU A 104 -20.23 0.30 3.71
CA LEU A 104 -19.47 1.52 3.48
C LEU A 104 -18.02 1.28 3.85
N VAL A 105 -17.12 1.43 2.88
CA VAL A 105 -15.69 1.25 3.11
C VAL A 105 -15.05 2.54 3.58
N HIS A 106 -14.45 2.48 4.76
CA HIS A 106 -13.68 3.59 5.30
C HIS A 106 -12.19 3.41 4.99
N GLY A 107 -11.50 4.51 4.79
CA GLY A 107 -10.07 4.50 4.58
C GLY A 107 -9.40 4.51 5.93
N PRO A 108 -8.14 4.93 6.00
CA PRO A 108 -7.42 4.92 7.28
C PRO A 108 -7.56 6.20 8.18
N THR A 109 -8.31 7.22 7.75
CA THR A 109 -8.51 8.40 8.62
C THR A 109 -9.19 8.05 9.97
N GLU A 110 -8.49 8.35 11.07
CA GLU A 110 -8.92 7.97 12.43
C GLU A 110 -9.56 6.58 12.56
N ARG A 111 -9.05 5.55 11.85
CA ARG A 111 -9.57 4.17 11.97
C ARG A 111 -9.97 3.74 13.38
N GLU A 112 -9.01 3.93 14.27
CA GLU A 112 -9.09 3.36 15.60
C GLU A 112 -10.37 3.86 16.25
N LYS A 113 -10.63 5.16 16.10
CA LYS A 113 -11.81 5.79 16.66
C LYS A 113 -13.08 5.31 15.98
N VAL A 114 -13.03 5.17 14.66
CA VAL A 114 -14.19 4.71 13.91
C VAL A 114 -14.51 3.27 14.29
N LEU A 115 -13.50 2.41 14.31
CA LEU A 115 -13.71 1.01 14.71
C LEU A 115 -14.27 0.91 16.13
N SER A 116 -13.75 1.74 17.04
CA SER A 116 -14.26 1.77 18.42
C SER A 116 -15.72 2.08 18.46
N SER A 117 -16.19 3.07 17.70
CA SER A 117 -17.61 3.47 17.76
C SER A 117 -18.47 2.34 17.25
N VAL A 118 -18.03 1.69 16.16
CA VAL A 118 -18.74 0.52 15.65
C VAL A 118 -18.79 -0.59 16.71
N PHE A 119 -17.68 -0.81 17.42
CA PHE A 119 -17.62 -1.79 18.50
C PHE A 119 -18.53 -1.46 19.70
N GLU A 120 -18.61 -0.20 20.07
CA GLU A 120 -19.59 0.22 21.10
C GLU A 120 -21.05 0.01 20.71
N LYS A 121 -21.37 0.24 19.45
CA LYS A 121 -22.69 -0.06 18.92
C LYS A 121 -22.95 -1.56 18.74
N TYR A 122 -21.88 -2.35 18.51
CA TYR A 122 -21.98 -3.79 18.32
C TYR A 122 -20.99 -4.52 19.25
N PRO A 123 -21.31 -4.59 20.56
CA PRO A 123 -20.47 -5.36 21.51
C PRO A 123 -20.19 -6.83 21.16
N GLU A 124 -21.09 -7.42 20.37
CA GLU A 124 -20.97 -8.82 19.91
C GLU A 124 -20.13 -9.00 18.63
N LEU A 125 -19.47 -7.93 18.20
CA LEU A 125 -18.75 -7.90 16.93
C LEU A 125 -17.56 -8.83 16.93
N ILE A 126 -17.33 -9.45 15.77
CA ILE A 126 -16.08 -10.13 15.45
C ILE A 126 -15.67 -9.69 14.07
N VAL A 127 -14.42 -9.31 13.89
CA VAL A 127 -13.95 -8.85 12.59
C VAL A 127 -13.42 -10.05 11.83
N VAL A 128 -13.74 -10.14 10.54
CA VAL A 128 -13.18 -11.10 9.65
C VAL A 128 -12.21 -10.34 8.78
N ASP A 129 -10.95 -10.77 8.76
CA ASP A 129 -9.90 -10.11 7.97
C ASP A 129 -9.44 -11.00 6.82
N TYR A 130 -9.84 -10.61 5.61
CA TYR A 130 -9.29 -11.10 4.35
C TYR A 130 -8.81 -9.93 3.52
N THR A 131 -7.63 -9.44 3.86
CA THR A 131 -7.08 -8.25 3.24
C THR A 131 -5.87 -8.58 2.37
N ILE A 132 -4.72 -7.98 2.65
CA ILE A 132 -3.55 -8.16 1.83
C ILE A 132 -2.38 -8.27 2.79
N PRO A 133 -1.30 -8.90 2.33
CA PRO A 133 -0.14 -9.08 3.20
C PRO A 133 0.29 -7.83 3.96
N SER A 134 0.36 -6.69 3.29
CA SER A 134 0.86 -5.46 3.92
C SER A 134 -0.07 -4.83 4.98
N ALA A 135 -1.32 -5.29 5.05
CA ALA A 135 -2.26 -4.82 6.07
C ALA A 135 -2.36 -5.75 7.30
N VAL A 136 -1.83 -6.97 7.21
CA VAL A 136 -1.96 -7.97 8.30
C VAL A 136 -1.55 -7.45 9.68
N ASN A 137 -0.36 -6.89 9.77
CA ASN A 137 0.16 -6.44 11.04
C ASN A 137 -0.52 -5.20 11.58
N ASP A 138 -0.66 -4.21 10.72
CA ASP A 138 -1.48 -3.02 10.99
C ASP A 138 -2.84 -3.35 11.51
N ASN A 139 -3.58 -4.15 10.75
CA ASN A 139 -4.93 -4.54 11.14
C ASN A 139 -4.99 -5.29 12.45
N ALA A 140 -4.03 -6.18 12.69
CA ALA A 140 -3.98 -6.93 13.96
C ALA A 140 -3.71 -6.00 15.10
N GLU A 141 -2.83 -5.04 14.88
CA GLU A 141 -2.57 -3.98 15.89
C GLU A 141 -3.80 -3.10 16.13
N LEU A 142 -4.50 -2.70 15.06
CA LEU A 142 -5.78 -2.00 15.17
C LEU A 142 -6.79 -2.78 16.01
N TYR A 143 -6.95 -4.08 15.70
CA TYR A 143 -7.92 -4.90 16.44
C TYR A 143 -7.50 -5.04 17.88
N GLY A 144 -6.19 -5.14 18.08
CA GLY A 144 -5.62 -5.18 19.41
C GLY A 144 -5.88 -3.94 20.23
N LYS A 145 -5.66 -2.76 19.67
CA LYS A 145 -5.84 -1.53 20.38
C LYS A 145 -7.32 -1.35 20.79
N VAL A 146 -8.21 -1.63 19.86
CA VAL A 146 -9.65 -1.54 20.09
C VAL A 146 -10.16 -2.64 21.03
N GLY A 147 -9.47 -3.78 21.07
CA GLY A 147 -9.92 -4.93 21.85
C GLY A 147 -10.92 -5.84 21.14
N VAL A 148 -11.14 -5.66 19.84
CA VAL A 148 -12.16 -6.43 19.12
C VAL A 148 -11.63 -7.81 18.69
N PRO A 149 -12.39 -8.89 18.95
CA PRO A 149 -11.96 -10.20 18.46
C PRO A 149 -12.00 -10.29 16.95
N PHE A 150 -11.10 -11.11 16.37
CA PHE A 150 -11.10 -11.30 14.93
C PHE A 150 -10.72 -12.69 14.45
N VAL A 151 -11.07 -12.94 13.21
CA VAL A 151 -10.74 -14.14 12.53
C VAL A 151 -9.98 -13.68 11.31
N MET A 152 -8.72 -14.09 11.19
CA MET A 152 -7.87 -13.69 10.05
C MET A 152 -7.48 -14.87 9.15
N GLY A 153 -7.98 -14.84 7.93
CA GLY A 153 -7.60 -15.75 6.86
C GLY A 153 -6.56 -15.15 5.92
N THR A 154 -6.26 -13.87 6.05
CA THR A 154 -5.27 -13.22 5.20
C THR A 154 -3.90 -13.91 5.36
N THR A 155 -3.28 -14.24 4.20
CA THR A 155 -1.96 -14.84 4.18
C THR A 155 -0.88 -13.75 4.05
N GLY A 156 0.34 -14.13 4.42
CA GLY A 156 1.48 -13.26 4.30
C GLY A 156 1.52 -12.25 5.43
N GLY A 157 2.37 -11.25 5.27
CA GLY A 157 2.71 -10.33 6.34
C GLY A 157 3.83 -10.89 7.22
N ASP A 158 4.29 -10.10 8.18
CA ASP A 158 5.24 -10.56 9.17
C ASP A 158 4.46 -11.46 10.13
N ARG A 159 4.50 -12.75 9.87
CA ARG A 159 3.70 -13.72 10.63
C ARG A 159 4.14 -13.83 12.08
N THR A 160 5.44 -13.73 12.32
CA THR A 160 5.98 -13.73 13.67
C THR A 160 5.48 -12.51 14.47
N ARG A 161 5.63 -11.32 13.89
CA ARG A 161 5.08 -10.08 14.46
C ARG A 161 3.56 -10.19 14.73
N LEU A 162 2.82 -10.76 13.78
CA LEU A 162 1.41 -11.03 13.98
C LEU A 162 1.12 -11.80 15.26
N TYR A 163 1.75 -12.98 15.44
CA TYR A 163 1.54 -13.78 16.64
C TYR A 163 1.97 -13.02 17.90
N LYS A 164 3.12 -12.35 17.84
CA LYS A 164 3.60 -11.53 18.96
C LYS A 164 2.56 -10.47 19.43
N THR A 165 2.12 -9.65 18.49
CA THR A 165 1.10 -8.62 18.67
C THR A 165 -0.17 -9.13 19.32
N VAL A 166 -0.74 -10.16 18.74
CA VAL A 166 -2.01 -10.68 19.19
C VAL A 166 -1.88 -11.31 20.59
N GLU A 167 -0.78 -12.00 20.86
CA GLU A 167 -0.58 -12.57 22.20
C GLU A 167 -0.42 -11.47 23.24
N GLU A 168 0.37 -10.44 22.90
CA GLU A 168 0.54 -9.25 23.73
C GLU A 168 -0.77 -8.49 24.02
N SER A 169 -1.61 -8.28 23.01
CA SER A 169 -2.83 -7.51 23.18
C SER A 169 -3.93 -8.29 23.91
N LYS A 170 -3.75 -9.59 24.08
CA LYS A 170 -4.66 -10.41 24.88
C LYS A 170 -6.11 -10.41 24.37
N ILE A 171 -6.31 -10.31 23.06
CA ILE A 171 -7.63 -10.47 22.47
C ILE A 171 -7.87 -11.89 21.98
N TYR A 172 -9.15 -12.17 21.74
CA TYR A 172 -9.58 -13.40 21.16
C TYR A 172 -9.37 -13.37 19.66
N ALA A 173 -8.78 -14.43 19.11
CA ALA A 173 -8.62 -14.53 17.67
C ALA A 173 -8.45 -15.96 17.15
N VAL A 174 -8.94 -16.17 15.94
CA VAL A 174 -8.62 -17.34 15.16
C VAL A 174 -7.70 -16.85 14.06
N ILE A 175 -6.48 -17.39 14.00
CA ILE A 175 -5.54 -17.11 12.90
C ILE A 175 -5.26 -18.45 12.20
N SER A 176 -5.51 -18.48 10.89
CA SER A 176 -5.32 -19.65 10.10
C SER A 176 -5.12 -19.29 8.66
N PRO A 177 -3.93 -19.56 8.12
CA PRO A 177 -3.70 -19.29 6.70
C PRO A 177 -4.48 -20.23 5.75
N GLN A 178 -5.03 -21.32 6.26
CA GLN A 178 -5.91 -22.18 5.48
C GLN A 178 -7.25 -22.27 6.19
N MET A 179 -8.29 -21.80 5.53
CA MET A 179 -9.60 -21.78 6.13
C MET A 179 -10.52 -22.87 5.58
N GLY A 180 -10.05 -23.58 4.55
CA GLY A 180 -10.74 -24.76 4.03
C GLY A 180 -10.60 -25.92 5.02
N LYS A 181 -11.54 -25.95 5.93
CA LYS A 181 -11.46 -26.81 7.13
C LYS A 181 -11.34 -28.32 6.80
N GLN A 182 -12.01 -28.76 5.74
CA GLN A 182 -11.98 -30.14 5.33
C GLN A 182 -10.59 -30.53 4.80
N VAL A 183 -9.91 -29.58 4.17
CA VAL A 183 -8.55 -29.78 3.68
C VAL A 183 -7.61 -29.88 4.87
N VAL A 184 -7.81 -29.02 5.85
CA VAL A 184 -7.04 -29.07 7.08
C VAL A 184 -7.24 -30.43 7.79
N ALA A 185 -8.47 -30.94 7.83
CA ALA A 185 -8.74 -32.23 8.44
C ALA A 185 -8.01 -33.41 7.72
N PHE A 186 -7.99 -33.35 6.40
CA PHE A 186 -7.25 -34.30 5.60
C PHE A 186 -5.74 -34.20 5.93
N LEU A 187 -5.22 -32.96 5.99
CA LEU A 187 -3.81 -32.78 6.35
C LEU A 187 -3.46 -33.33 7.72
N ALA A 188 -4.34 -33.09 8.68
CA ALA A 188 -4.13 -33.53 10.04
C ALA A 188 -4.16 -35.06 10.16
N ALA A 189 -5.05 -35.70 9.41
CA ALA A 189 -5.07 -37.15 9.28
C ALA A 189 -3.73 -37.71 8.79
N MET A 190 -3.24 -37.17 7.68
CA MET A 190 -1.94 -37.55 7.15
C MET A 190 -0.80 -37.27 8.14
N GLU A 191 -0.86 -36.14 8.87
CA GLU A 191 0.16 -35.83 9.90
C GLU A 191 0.17 -36.90 10.99
N ILE A 192 -1.01 -37.27 11.44
CA ILE A 192 -1.16 -38.30 12.46
C ILE A 192 -0.70 -39.69 11.97
N MET A 193 -1.08 -40.06 10.75
CA MET A 193 -0.69 -41.35 10.21
C MET A 193 0.82 -41.46 10.11
N SER A 194 1.42 -40.38 9.61
CA SER A 194 2.86 -40.36 9.46
C SER A 194 3.62 -40.37 10.81
N GLU A 195 3.01 -39.71 11.79
CA GLU A 195 3.52 -39.66 13.16
C GLU A 195 3.43 -41.04 13.86
N GLN A 196 2.33 -41.77 13.66
CA GLN A 196 2.11 -43.05 14.32
C GLN A 196 2.89 -44.17 13.67
N PHE A 197 2.99 -44.14 12.34
CA PHE A 197 3.43 -45.28 11.56
C PHE A 197 4.55 -44.91 10.61
N PRO A 198 5.70 -44.51 11.14
CA PRO A 198 6.76 -44.05 10.24
C PRO A 198 7.21 -45.22 9.41
N GLY A 199 7.48 -44.99 8.15
CA GLY A 199 7.95 -46.03 7.24
C GLY A 199 6.89 -46.94 6.66
N ALA A 200 5.60 -46.71 6.94
CA ALA A 200 4.54 -47.60 6.45
C ALA A 200 4.44 -47.76 4.94
N PHE A 201 4.97 -46.79 4.20
CA PHE A 201 4.96 -46.82 2.75
C PHE A 201 6.37 -46.79 2.22
N ALA A 202 7.35 -47.28 3.01
CA ALA A 202 8.76 -47.33 2.57
C ALA A 202 8.77 -47.97 1.20
N GLY A 203 9.43 -47.33 0.25
CA GLY A 203 9.67 -47.90 -1.07
C GLY A 203 8.66 -47.53 -2.13
N TYR A 204 7.44 -47.13 -1.70
CA TYR A 204 6.41 -46.65 -2.62
C TYR A 204 6.87 -45.34 -3.28
N SER A 205 6.44 -45.10 -4.53
CA SER A 205 6.77 -43.87 -5.19
C SER A 205 5.54 -42.94 -5.24
N LEU A 206 5.81 -41.66 -5.08
CA LEU A 206 4.79 -40.63 -5.05
C LEU A 206 4.90 -39.78 -6.29
N GLU A 207 3.77 -39.58 -6.97
CA GLU A 207 3.64 -38.43 -7.86
C GLU A 207 2.53 -37.50 -7.34
N VAL A 208 2.82 -36.21 -7.38
CA VAL A 208 1.94 -35.15 -6.89
C VAL A 208 1.63 -34.20 -8.01
N MET A 209 0.35 -33.95 -8.24
CA MET A 209 -0.09 -32.96 -9.19
C MET A 209 -0.94 -31.90 -8.51
N GLU A 210 -0.85 -30.68 -9.04
CA GLU A 210 -1.43 -29.49 -8.45
C GLU A 210 -1.74 -28.52 -9.61
N SER A 211 -3.00 -28.08 -9.74
CA SER A 211 -3.38 -27.15 -10.81
C SER A 211 -2.98 -25.74 -10.46
N HIS A 212 -3.14 -24.86 -11.45
CA HIS A 212 -2.80 -23.47 -11.33
C HIS A 212 -3.62 -22.71 -10.28
N GLN A 213 -4.94 -22.83 -10.35
CA GLN A 213 -5.80 -22.20 -9.35
C GLN A 213 -5.48 -22.72 -7.95
N ALA A 214 -5.21 -24.02 -7.82
CA ALA A 214 -4.84 -24.61 -6.53
C ALA A 214 -3.54 -24.04 -5.96
N SER A 215 -2.51 -23.94 -6.80
CA SER A 215 -1.23 -23.35 -6.41
C SER A 215 -1.38 -21.93 -5.86
N LYS A 216 -2.09 -21.08 -6.60
CA LYS A 216 -2.25 -19.65 -6.27
C LYS A 216 -2.95 -19.41 -4.93
N LEU A 217 -4.12 -20.02 -4.72
CA LEU A 217 -4.83 -19.96 -3.42
C LEU A 217 -4.01 -20.73 -2.39
N ASP A 218 -2.94 -20.10 -1.88
CA ASP A 218 -1.82 -20.76 -1.18
C ASP A 218 -2.20 -22.07 -0.53
N ALA A 219 -2.29 -23.09 -1.37
CA ALA A 219 -2.43 -24.48 -0.95
C ALA A 219 -1.16 -25.25 -1.30
N SER A 220 -0.12 -24.56 -1.80
CA SER A 220 1.24 -25.13 -1.89
C SER A 220 1.84 -25.30 -0.50
N GLY A 221 1.53 -24.33 0.41
CA GLY A 221 1.76 -24.52 1.87
C GLY A 221 1.21 -25.89 2.30
N THR A 222 -0.08 -26.06 2.03
CA THR A 222 -0.81 -27.28 2.32
C THR A 222 -0.27 -28.52 1.58
N ALA A 223 -0.07 -28.43 0.28
CA ALA A 223 0.58 -29.50 -0.47
C ALA A 223 1.97 -29.87 0.07
N LYS A 224 2.81 -28.88 0.40
CA LYS A 224 4.12 -29.15 0.99
C LYS A 224 4.03 -29.95 2.28
N ALA A 225 3.16 -29.53 3.18
CA ALA A 225 2.92 -30.25 4.44
C ALA A 225 2.42 -31.68 4.22
N VAL A 226 1.57 -31.89 3.22
CA VAL A 226 1.11 -33.23 2.90
C VAL A 226 2.27 -34.11 2.41
N ILE A 227 3.13 -33.54 1.60
CA ILE A 227 4.30 -34.26 1.06
C ILE A 227 5.23 -34.69 2.20
N SER A 228 5.53 -33.76 3.13
CA SER A 228 6.28 -34.10 4.34
C SER A 228 5.77 -35.35 5.05
N CYS A 229 4.45 -35.51 5.07
CA CYS A 229 3.82 -36.65 5.69
C CYS A 229 4.16 -37.93 4.94
N PHE A 230 4.15 -37.90 3.61
CA PHE A 230 4.53 -39.09 2.84
C PHE A 230 6.01 -39.45 3.03
N GLN A 231 6.88 -38.46 3.06
CA GLN A 231 8.29 -38.67 3.33
C GLN A 231 8.52 -39.38 4.65
N LYS A 232 7.87 -38.90 5.70
CA LYS A 232 7.92 -39.53 7.01
C LYS A 232 7.32 -40.95 7.01
N LEU A 233 6.41 -41.20 6.07
CA LEU A 233 5.88 -42.52 5.79
C LEU A 233 6.83 -43.39 4.95
N GLY A 234 8.02 -42.88 4.65
CA GLY A 234 9.10 -43.67 4.05
C GLY A 234 9.25 -43.49 2.55
N VAL A 235 8.54 -42.55 1.96
CA VAL A 235 8.61 -42.30 0.53
C VAL A 235 9.84 -41.41 0.22
N SER A 236 10.52 -41.68 -0.90
CA SER A 236 11.62 -40.80 -1.37
C SER A 236 11.02 -39.84 -2.39
N TYR A 237 11.16 -38.54 -2.11
CA TYR A 237 10.54 -37.48 -2.91
C TYR A 237 11.24 -36.14 -2.64
N ILE A 242 7.20 -31.86 -7.92
CA ILE A 242 5.77 -31.53 -8.06
C ILE A 242 5.45 -31.09 -9.47
N GLN A 243 4.41 -31.66 -10.08
CA GLN A 243 3.97 -31.25 -11.41
C GLN A 243 2.88 -30.21 -11.26
N LEU A 244 3.21 -28.95 -11.60
CA LEU A 244 2.23 -27.89 -11.73
C LEU A 244 1.54 -28.09 -13.07
N ILE A 245 0.22 -28.33 -13.04
CA ILE A 245 -0.54 -28.78 -14.21
C ILE A 245 -1.39 -27.68 -14.84
N ARG A 246 -1.50 -27.73 -16.16
CA ARG A 246 -2.21 -26.72 -16.94
C ARG A 246 -3.55 -27.21 -17.53
N ASP A 247 -3.56 -28.41 -18.13
CA ASP A 247 -4.73 -28.92 -18.85
C ASP A 247 -5.90 -29.24 -17.87
N PRO A 248 -7.17 -29.17 -18.36
CA PRO A 248 -8.33 -29.55 -17.53
C PRO A 248 -8.46 -31.07 -17.23
N LYS A 249 -7.63 -31.90 -17.88
CA LYS A 249 -7.53 -33.32 -17.55
C LYS A 249 -6.07 -33.77 -17.46
N GLN A 250 -5.77 -34.71 -16.58
CA GLN A 250 -4.43 -35.29 -16.52
C GLN A 250 -4.44 -36.78 -16.19
N GLN A 251 -3.49 -37.51 -16.77
CA GLN A 251 -3.43 -38.96 -16.74
C GLN A 251 -2.44 -39.47 -15.70
N ILE A 252 -2.79 -40.57 -15.06
CA ILE A 252 -1.84 -41.35 -14.25
C ILE A 252 -1.94 -42.82 -14.62
N GLU A 253 -0.97 -43.61 -14.15
CA GLU A 253 -0.90 -45.06 -14.46
C GLU A 253 -1.36 -45.86 -13.22
N VAL A 254 -2.55 -46.48 -13.32
CA VAL A 254 -3.10 -47.32 -12.25
C VAL A 254 -2.99 -48.82 -12.65
N VAL A 255 -1.98 -49.50 -12.11
CA VAL A 255 -1.71 -50.90 -12.39
C VAL A 255 -1.54 -51.11 -13.90
N GLY A 256 -0.66 -50.31 -14.49
CA GLY A 256 -0.39 -50.38 -15.93
C GLY A 256 -1.53 -49.94 -16.85
N VAL A 257 -2.49 -49.16 -16.33
CA VAL A 257 -3.67 -48.72 -17.09
C VAL A 257 -3.86 -47.20 -16.90
N PRO A 258 -3.92 -46.43 -18.02
CA PRO A 258 -4.22 -44.99 -17.96
C PRO A 258 -5.54 -44.63 -17.24
N GLU A 259 -5.48 -43.61 -16.38
CA GLU A 259 -6.68 -43.09 -15.69
C GLU A 259 -6.72 -41.56 -15.85
N GLU A 260 -7.79 -41.04 -16.48
CA GLU A 260 -7.95 -39.60 -16.71
C GLU A 260 -8.58 -38.95 -15.49
N HIS A 261 -7.97 -37.87 -15.01
CA HIS A 261 -8.47 -37.13 -13.85
C HIS A 261 -8.86 -35.69 -14.21
N VAL A 262 -10.00 -35.26 -13.65
CA VAL A 262 -10.54 -33.93 -13.82
C VAL A 262 -9.65 -33.03 -12.99
N SER A 263 -8.87 -32.20 -13.68
CA SER A 263 -7.88 -31.36 -13.04
C SER A 263 -8.16 -29.85 -13.22
N GLY A 264 -9.42 -29.50 -13.50
CA GLY A 264 -9.85 -28.11 -13.56
C GLY A 264 -10.05 -27.52 -12.16
N HIS A 265 -10.20 -26.20 -12.14
CA HIS A 265 -10.35 -25.40 -10.92
C HIS A 265 -9.14 -25.59 -10.01
N ALA A 266 -9.33 -25.68 -8.68
CA ALA A 266 -8.21 -25.98 -7.77
C ALA A 266 -8.20 -27.47 -7.53
N PHE A 267 -7.16 -28.14 -8.04
CA PHE A 267 -7.05 -29.61 -8.01
C PHE A 267 -5.73 -30.03 -7.34
N HIS A 268 -5.82 -31.06 -6.49
CA HIS A 268 -4.63 -31.72 -5.92
C HIS A 268 -4.77 -33.21 -6.10
N LEU A 269 -3.74 -33.88 -6.60
CA LEU A 269 -3.72 -35.34 -6.65
C LEU A 269 -2.42 -35.85 -6.05
N TYR A 270 -2.52 -36.72 -5.06
CA TYR A 270 -1.37 -37.44 -4.49
C TYR A 270 -1.52 -38.93 -4.82
N HIS A 271 -0.61 -39.48 -5.63
CA HIS A 271 -0.68 -40.86 -6.12
C HIS A 271 0.51 -41.62 -5.61
N LEU A 272 0.27 -42.72 -4.88
CA LEU A 272 1.31 -43.63 -4.39
C LEU A 272 1.26 -44.96 -5.14
N THR A 273 2.44 -45.48 -5.49
CA THR A 273 2.58 -46.76 -6.21
C THR A 273 3.60 -47.65 -5.48
N SER A 274 3.27 -48.92 -5.26
CA SER A 274 4.24 -49.87 -4.68
C SER A 274 5.39 -50.15 -5.64
N PRO A 275 6.57 -50.57 -5.13
CA PRO A 275 7.70 -50.94 -5.95
C PRO A 275 7.35 -51.87 -7.11
N ASP A 276 6.56 -52.92 -6.83
CA ASP A 276 6.16 -53.88 -7.87
C ASP A 276 4.98 -53.44 -8.74
N LYS A 277 4.53 -52.19 -8.56
CA LYS A 277 3.44 -51.57 -9.33
C LYS A 277 2.05 -52.26 -9.17
N THR A 278 1.91 -53.22 -8.23
CA THR A 278 0.62 -53.90 -8.03
C THR A 278 -0.35 -53.17 -7.09
N VAL A 279 0.12 -52.12 -6.41
CA VAL A 279 -0.68 -51.34 -5.46
C VAL A 279 -0.64 -49.86 -5.83
N SER A 280 -1.84 -49.26 -5.98
CA SER A 280 -2.01 -47.83 -6.22
C SER A 280 -2.92 -47.24 -5.14
N PHE A 281 -2.56 -46.09 -4.60
CA PHE A 281 -3.39 -45.31 -3.67
C PHE A 281 -3.55 -43.90 -4.27
N GLU A 282 -4.75 -43.33 -4.20
CA GLU A 282 -4.97 -41.95 -4.60
C GLU A 282 -5.69 -41.15 -3.52
N PHE A 283 -5.25 -39.92 -3.35
CA PHE A 283 -5.92 -38.91 -2.52
C PHE A 283 -6.07 -37.68 -3.39
N GLN A 284 -7.31 -37.26 -3.63
CA GLN A 284 -7.57 -36.15 -4.51
C GLN A 284 -8.61 -35.20 -3.91
N HIS A 285 -8.43 -33.90 -4.16
CA HIS A 285 -9.50 -32.94 -3.98
C HIS A 285 -9.59 -31.89 -5.06
N ASN A 286 -10.83 -31.51 -5.34
CA ASN A 286 -11.17 -30.48 -6.28
C ASN A 286 -12.04 -29.42 -5.58
N VAL A 287 -11.68 -28.15 -5.75
CA VAL A 287 -12.44 -27.03 -5.16
C VAL A 287 -12.76 -26.03 -6.26
N CYS A 288 -14.04 -25.72 -6.39
CA CYS A 288 -14.51 -24.65 -7.30
C CYS A 288 -14.99 -23.45 -6.50
N GLY A 289 -14.53 -22.25 -6.88
CA GLY A 289 -14.87 -21.04 -6.14
C GLY A 289 -14.33 -21.00 -4.73
N ARG A 290 -15.00 -20.25 -3.86
CA ARG A 290 -14.50 -19.94 -2.53
C ARG A 290 -15.40 -20.31 -1.35
N SER A 291 -16.52 -20.95 -1.65
CA SER A 291 -17.45 -21.50 -0.69
C SER A 291 -16.81 -22.25 0.49
N ILE A 292 -15.91 -23.19 0.20
CA ILE A 292 -15.25 -23.95 1.28
C ILE A 292 -14.52 -23.04 2.30
N TYR A 293 -13.87 -22.00 1.78
CA TYR A 293 -13.10 -21.07 2.62
C TYR A 293 -14.03 -20.16 3.40
N ALA A 294 -15.10 -19.72 2.74
CA ALA A 294 -16.14 -18.90 3.39
C ALA A 294 -16.82 -19.68 4.52
N GLU A 295 -17.21 -20.92 4.23
CA GLU A 295 -17.89 -21.75 5.20
C GLU A 295 -17.00 -22.06 6.40
N GLY A 296 -15.71 -22.28 6.16
CA GLY A 296 -14.78 -22.49 7.25
C GLY A 296 -14.53 -21.23 8.06
N THR A 297 -14.41 -20.09 7.38
CA THR A 297 -14.30 -18.79 8.05
C THR A 297 -15.51 -18.58 8.99
N VAL A 298 -16.72 -18.84 8.49
CA VAL A 298 -17.94 -18.73 9.31
C VAL A 298 -17.85 -19.70 10.52
N ASP A 299 -17.40 -20.93 10.28
CA ASP A 299 -17.21 -21.88 11.38
C ASP A 299 -16.24 -21.28 12.40
N ALA A 300 -15.18 -20.63 11.98
CA ALA A 300 -14.25 -20.04 12.95
C ALA A 300 -14.90 -18.89 13.76
N VAL A 301 -15.79 -18.15 13.13
CA VAL A 301 -16.51 -17.06 13.80
C VAL A 301 -17.39 -17.65 14.89
N LEU A 302 -18.15 -18.68 14.53
CA LEU A 302 -19.03 -19.33 15.49
C LEU A 302 -18.23 -19.95 16.63
N PHE A 303 -17.10 -20.54 16.30
CA PHE A 303 -16.21 -21.09 17.32
C PHE A 303 -15.72 -20.02 18.27
N LEU A 304 -15.21 -18.94 17.72
CA LEU A 304 -14.68 -17.85 18.52
C LEU A 304 -15.79 -17.20 19.41
N ALA A 305 -17.00 -17.07 18.88
CA ALA A 305 -18.12 -16.56 19.70
C ALA A 305 -18.37 -17.43 20.92
N LYS A 306 -18.32 -18.76 20.74
CA LYS A 306 -18.49 -19.68 21.88
C LYS A 306 -17.40 -19.47 22.92
N LYS A 307 -16.17 -19.27 22.48
CA LYS A 307 -15.06 -19.05 23.40
C LYS A 307 -15.12 -17.72 24.18
N ILE A 308 -15.53 -16.66 23.50
CA ILE A 308 -15.73 -15.37 24.14
C ILE A 308 -16.84 -15.48 25.18
N ARG A 309 -18.00 -15.97 24.77
CA ARG A 309 -19.15 -16.17 25.67
C ARG A 309 -18.80 -16.98 26.91
N SER A 310 -17.93 -17.98 26.75
CA SER A 310 -17.49 -18.83 27.86
C SER A 310 -16.33 -18.24 28.65
N LYS A 311 -15.79 -17.12 28.20
CA LYS A 311 -14.61 -16.51 28.83
C LYS A 311 -13.39 -17.45 28.95
N ALA A 312 -12.99 -18.09 27.85
CA ALA A 312 -11.89 -19.09 27.87
C ALA A 312 -10.51 -18.46 28.09
N GLU A 313 -9.66 -19.14 28.87
CA GLU A 313 -8.31 -18.63 29.18
C GLU A 313 -7.49 -18.52 27.88
N LYS A 314 -7.52 -19.58 27.09
CA LYS A 314 -6.85 -19.56 25.79
C LYS A 314 -7.48 -18.49 24.89
N ARG A 315 -6.60 -17.69 24.26
CA ARG A 315 -7.01 -16.52 23.50
C ARG A 315 -6.86 -16.67 21.98
N ILE A 316 -5.74 -17.25 21.55
CA ILE A 316 -5.41 -17.35 20.12
C ILE A 316 -5.54 -18.79 19.58
N TYR A 317 -6.33 -18.95 18.53
CA TYR A 317 -6.84 -20.24 18.09
C TYR A 317 -6.56 -20.44 16.63
N ASN A 318 -6.65 -21.67 16.16
CA ASN A 318 -6.44 -22.01 14.74
C ASN A 318 -7.48 -23.00 14.30
N MET A 319 -7.41 -23.43 13.05
CA MET A 319 -8.44 -24.27 12.50
C MET A 319 -8.51 -25.68 13.08
N ILE A 320 -7.40 -26.15 13.66
CA ILE A 320 -7.41 -27.43 14.40
C ILE A 320 -8.29 -27.29 15.62
N ASP A 321 -8.20 -26.14 16.30
CA ASP A 321 -9.03 -25.89 17.47
C ASP A 321 -10.49 -25.93 17.09
N VAL A 322 -10.81 -25.34 15.95
CA VAL A 322 -12.18 -25.24 15.46
C VAL A 322 -12.70 -26.63 15.14
N LEU A 323 -11.93 -27.38 14.37
CA LEU A 323 -12.26 -28.76 14.03
C LEU A 323 -12.53 -29.66 15.22
N ARG A 324 -11.79 -29.51 16.33
CA ARG A 324 -12.01 -30.34 17.53
C ARG A 324 -13.29 -30.04 18.26
N GLU A 325 -13.81 -28.84 18.10
CA GLU A 325 -15.02 -28.43 18.79
C GLU A 325 -16.22 -29.17 18.25
N GLY A 326 -16.16 -29.59 16.98
CA GLY A 326 -17.29 -30.20 16.29
C GLY A 326 -18.02 -29.25 15.37
N ASN A 327 -18.99 -29.79 14.63
CA ASN A 327 -19.95 -29.00 13.85
C ASN A 327 -20.77 -28.12 14.77
N MET A 328 -20.97 -26.85 14.37
CA MET A 328 -21.76 -25.86 15.13
C MET A 328 -23.06 -25.33 14.49
N ASN B 53 20.67 -17.61 -5.13
CA ASN B 53 21.13 -18.96 -4.65
C ASN B 53 20.38 -20.07 -5.39
N GLY B 54 21.10 -20.75 -6.27
CA GLY B 54 20.50 -21.66 -7.24
C GLY B 54 20.06 -20.97 -8.50
N ILE B 55 20.39 -19.68 -8.65
CA ILE B 55 20.10 -18.92 -9.83
C ILE B 55 21.42 -18.53 -10.41
N SER B 56 21.52 -18.60 -11.74
CA SER B 56 22.66 -18.10 -12.47
C SER B 56 22.20 -17.04 -13.47
N ILE B 57 23.04 -16.03 -13.70
CA ILE B 57 22.76 -15.02 -14.73
C ILE B 57 23.89 -14.82 -15.72
N MET B 58 23.51 -14.52 -16.95
CA MET B 58 24.42 -14.02 -17.96
C MET B 58 24.18 -12.52 -18.08
N VAL B 59 25.24 -11.74 -17.92
CA VAL B 59 25.16 -10.30 -18.07
C VAL B 59 25.65 -9.87 -19.47
N ASN B 60 24.68 -9.69 -20.35
CA ASN B 60 24.89 -9.08 -21.65
C ASN B 60 24.97 -7.57 -21.49
N GLY B 61 26.13 -7.05 -21.86
CA GLY B 61 26.56 -5.71 -21.53
C GLY B 61 27.47 -5.69 -20.33
N CYS B 62 28.15 -6.79 -20.02
CA CYS B 62 29.08 -6.81 -18.87
C CYS B 62 30.28 -5.86 -18.98
N SER B 63 30.65 -5.40 -20.17
CA SER B 63 31.80 -4.48 -20.29
C SER B 63 31.49 -3.03 -19.94
N GLY B 64 30.22 -2.69 -19.75
CA GLY B 64 29.82 -1.34 -19.43
C GLY B 64 29.77 -1.10 -17.94
N LYS B 65 29.67 0.19 -17.58
CA LYS B 65 29.50 0.62 -16.19
C LYS B 65 28.27 -0.05 -15.49
N MET B 66 27.16 -0.18 -16.19
CA MET B 66 25.95 -0.79 -15.61
C MET B 66 26.04 -2.31 -15.41
N GLY B 67 26.59 -3.00 -16.42
CA GLY B 67 26.81 -4.45 -16.32
C GLY B 67 27.71 -4.81 -15.15
N LYS B 68 28.73 -4.00 -14.93
CA LYS B 68 29.63 -4.23 -13.80
C LYS B 68 28.91 -4.11 -12.49
N ALA B 69 28.09 -3.06 -12.37
CA ALA B 69 27.28 -2.82 -11.16
C ALA B 69 26.29 -3.95 -10.92
N VAL B 70 25.67 -4.45 -11.97
CA VAL B 70 24.79 -5.59 -11.84
C VAL B 70 25.56 -6.82 -11.33
N ILE B 71 26.76 -7.08 -11.87
CA ILE B 71 27.57 -8.22 -11.46
C ILE B 71 27.85 -8.13 -9.97
N LYS B 72 28.36 -6.98 -9.53
CA LYS B 72 28.59 -6.72 -8.10
C LYS B 72 27.36 -7.03 -7.23
N ALA B 73 26.23 -6.42 -7.57
CA ALA B 73 25.01 -6.60 -6.80
C ALA B 73 24.53 -8.04 -6.78
N ALA B 74 24.49 -8.68 -7.95
CA ALA B 74 24.11 -10.09 -8.04
C ALA B 74 25.04 -11.00 -7.23
N ASP B 75 26.33 -10.68 -7.24
CA ASP B 75 27.28 -11.42 -6.47
C ASP B 75 27.02 -11.27 -4.96
N SER B 76 26.83 -10.04 -4.46
CA SER B 76 26.42 -9.81 -3.05
C SER B 76 25.21 -10.61 -2.63
N ALA B 77 24.25 -10.77 -3.53
CA ALA B 77 23.03 -11.52 -3.26
C ALA B 77 23.18 -13.02 -3.44
N GLY B 78 24.40 -13.51 -3.70
CA GLY B 78 24.64 -14.92 -3.92
C GLY B 78 24.09 -15.50 -5.21
N VAL B 79 23.87 -14.66 -6.23
CA VAL B 79 23.55 -15.15 -7.57
C VAL B 79 24.84 -15.53 -8.31
N ASN B 80 24.83 -16.71 -8.93
CA ASN B 80 25.93 -17.16 -9.77
C ASN B 80 26.01 -16.44 -11.11
N ILE B 81 27.24 -16.16 -11.52
CA ILE B 81 27.53 -15.38 -12.71
C ILE B 81 28.22 -16.23 -13.76
N VAL B 82 27.55 -16.52 -14.85
CA VAL B 82 28.14 -17.41 -15.85
C VAL B 82 29.33 -16.70 -16.51
N PRO B 83 30.44 -17.42 -16.74
CA PRO B 83 31.66 -16.77 -17.28
C PRO B 83 31.59 -16.48 -18.80
N THR B 84 30.38 -16.19 -19.31
CA THR B 84 30.15 -16.11 -20.74
C THR B 84 29.18 -14.98 -21.04
N SER B 85 29.37 -14.32 -22.16
CA SER B 85 28.55 -13.17 -22.50
C SER B 85 28.55 -12.94 -23.99
N PHE B 86 27.65 -12.07 -24.40
CA PHE B 86 27.50 -11.62 -25.79
C PHE B 86 27.62 -10.12 -25.89
N GLY B 87 28.25 -9.70 -26.98
CA GLY B 87 28.68 -8.33 -27.17
C GLY B 87 28.78 -8.09 -28.65
N SER B 88 29.40 -6.96 -28.99
CA SER B 88 29.53 -6.55 -30.36
C SER B 88 30.70 -7.28 -31.04
N VAL B 89 30.80 -7.05 -32.34
CA VAL B 89 31.91 -7.54 -33.08
C VAL B 89 33.23 -7.06 -32.44
N GLU B 90 33.29 -5.79 -32.02
CA GLU B 90 34.53 -5.21 -31.47
C GLU B 90 34.95 -5.90 -30.19
N GLU B 91 33.97 -6.28 -29.38
CA GLU B 91 34.18 -6.96 -28.10
C GLU B 91 34.39 -8.51 -28.21
N ALA B 92 34.17 -9.09 -29.39
CA ALA B 92 34.27 -10.54 -29.56
C ALA B 92 35.68 -11.01 -29.21
N GLY B 93 35.79 -11.96 -28.28
CA GLY B 93 37.07 -12.52 -27.83
C GLY B 93 37.66 -11.95 -26.55
N GLN B 94 37.15 -10.81 -26.11
CA GLN B 94 37.70 -10.10 -24.95
C GLN B 94 37.22 -10.79 -23.69
N THR B 95 38.04 -10.75 -22.65
CA THR B 95 37.65 -11.19 -21.32
C THR B 95 37.45 -9.96 -20.45
N VAL B 96 36.40 -9.99 -19.65
CA VAL B 96 36.01 -8.89 -18.78
C VAL B 96 36.31 -9.28 -17.34
N GLU B 97 37.28 -8.62 -16.72
CA GLU B 97 37.63 -8.88 -15.31
C GLU B 97 36.73 -8.01 -14.44
N VAL B 98 35.85 -8.62 -13.65
CA VAL B 98 34.88 -7.88 -12.81
C VAL B 98 34.53 -8.66 -11.55
N CYS B 99 34.75 -8.08 -10.37
CA CYS B 99 34.28 -8.65 -9.11
C CYS B 99 34.89 -10.05 -8.86
N GLY B 100 36.15 -10.23 -9.26
CA GLY B 100 36.80 -11.54 -9.25
C GLY B 100 36.43 -12.49 -10.39
N LYS B 101 35.37 -12.18 -11.14
CA LYS B 101 34.94 -13.00 -12.26
C LYS B 101 35.69 -12.62 -13.54
N GLU B 102 35.91 -13.61 -14.41
CA GLU B 102 36.40 -13.40 -15.77
C GLU B 102 35.28 -13.83 -16.69
N ILE B 103 34.77 -12.92 -17.51
CA ILE B 103 33.70 -13.24 -18.44
C ILE B 103 34.20 -13.16 -19.88
N LEU B 104 33.92 -14.21 -20.66
CA LEU B 104 34.37 -14.26 -22.04
C LEU B 104 33.27 -13.72 -22.94
N VAL B 105 33.58 -12.64 -23.66
CA VAL B 105 32.60 -12.03 -24.54
C VAL B 105 32.65 -12.68 -25.91
N HIS B 106 31.51 -13.20 -26.33
CA HIS B 106 31.33 -13.74 -27.66
C HIS B 106 30.72 -12.67 -28.58
N GLY B 107 31.09 -12.71 -29.84
CA GLY B 107 30.48 -11.84 -30.85
C GLY B 107 29.17 -12.44 -31.32
N PRO B 108 28.70 -12.06 -32.52
CA PRO B 108 27.45 -12.62 -33.03
C PRO B 108 27.54 -13.96 -33.84
N THR B 109 28.73 -14.51 -34.07
CA THR B 109 28.83 -15.76 -34.86
C THR B 109 28.05 -16.90 -34.17
N GLU B 110 27.07 -17.47 -34.89
CA GLU B 110 26.18 -18.50 -34.37
C GLU B 110 25.74 -18.30 -32.92
N ARG B 111 25.50 -17.05 -32.51
CA ARG B 111 24.98 -16.71 -31.16
C ARG B 111 23.94 -17.71 -30.60
N GLU B 112 22.93 -17.98 -31.43
CA GLU B 112 21.78 -18.78 -31.04
C GLU B 112 22.27 -20.15 -30.55
N LYS B 113 23.19 -20.76 -31.30
CA LYS B 113 23.75 -22.06 -30.91
C LYS B 113 24.65 -22.01 -29.66
N VAL B 114 25.44 -20.96 -29.56
CA VAL B 114 26.29 -20.77 -28.38
C VAL B 114 25.42 -20.54 -27.14
N LEU B 115 24.45 -19.63 -27.23
CA LEU B 115 23.56 -19.39 -26.09
C LEU B 115 22.82 -20.66 -25.66
N SER B 116 22.37 -21.44 -26.64
CA SER B 116 21.75 -22.75 -26.34
C SER B 116 22.62 -23.70 -25.55
N SER B 117 23.89 -23.82 -25.90
CA SER B 117 24.79 -24.71 -25.15
C SER B 117 24.99 -24.20 -23.72
N VAL B 118 25.15 -22.90 -23.53
CA VAL B 118 25.23 -22.33 -22.18
C VAL B 118 23.95 -22.64 -21.40
N PHE B 119 22.80 -22.53 -22.06
CA PHE B 119 21.51 -22.80 -21.40
C PHE B 119 21.34 -24.27 -21.02
N GLU B 120 21.79 -25.17 -21.87
CA GLU B 120 21.81 -26.60 -21.51
C GLU B 120 22.70 -26.94 -20.31
N LYS B 121 23.84 -26.27 -20.22
CA LYS B 121 24.71 -26.38 -19.05
C LYS B 121 24.17 -25.65 -17.79
N TYR B 122 23.38 -24.59 -17.99
CA TYR B 122 22.77 -23.81 -16.91
C TYR B 122 21.26 -23.68 -17.13
N PRO B 123 20.49 -24.78 -16.91
CA PRO B 123 19.02 -24.70 -16.95
C PRO B 123 18.33 -23.60 -16.09
N GLU B 124 18.99 -23.19 -15.00
CA GLU B 124 18.51 -22.12 -14.09
C GLU B 124 18.84 -20.67 -14.54
N LEU B 125 19.37 -20.54 -15.76
CA LEU B 125 19.89 -19.28 -16.27
C LEU B 125 18.79 -18.25 -16.46
N ILE B 126 19.11 -17.01 -16.15
CA ILE B 126 18.33 -15.86 -16.54
C ILE B 126 19.33 -14.84 -17.11
N VAL B 127 19.01 -14.29 -18.28
CA VAL B 127 19.88 -13.31 -18.91
C VAL B 127 19.49 -11.93 -18.40
N VAL B 128 20.48 -11.10 -18.08
CA VAL B 128 20.27 -9.71 -17.79
C VAL B 128 20.77 -8.94 -19.01
N ASP B 129 19.89 -8.11 -19.60
CA ASP B 129 20.23 -7.34 -20.80
C ASP B 129 20.27 -5.83 -20.49
N TYR B 130 21.51 -5.32 -20.46
CA TYR B 130 21.80 -3.86 -20.47
C TYR B 130 22.74 -3.56 -21.61
N THR B 131 22.15 -3.43 -22.81
CA THR B 131 22.93 -3.26 -24.01
C THR B 131 22.67 -1.86 -24.59
N ILE B 132 22.18 -1.78 -25.82
CA ILE B 132 21.99 -0.50 -26.50
C ILE B 132 20.69 -0.61 -27.30
N PRO B 133 20.10 0.54 -27.65
CA PRO B 133 18.79 0.52 -28.32
C PRO B 133 18.73 -0.40 -29.52
N SER B 134 19.76 -0.37 -30.34
CA SER B 134 19.75 -1.14 -31.58
C SER B 134 19.89 -2.68 -31.41
N ALA B 135 20.25 -3.15 -30.20
CA ALA B 135 20.31 -4.58 -29.90
C ALA B 135 19.06 -5.16 -29.22
N VAL B 136 18.17 -4.29 -28.74
CA VAL B 136 17.01 -4.71 -27.93
C VAL B 136 16.18 -5.81 -28.63
N ASN B 137 15.81 -5.56 -29.87
CA ASN B 137 14.95 -6.48 -30.58
C ASN B 137 15.66 -7.78 -30.98
N ASP B 138 16.84 -7.64 -31.55
CA ASP B 138 17.73 -8.77 -31.84
C ASP B 138 17.94 -9.65 -30.62
N ASN B 139 18.33 -9.04 -29.51
CA ASN B 139 18.58 -9.79 -28.30
C ASN B 139 17.33 -10.47 -27.74
N ALA B 140 16.20 -9.80 -27.82
CA ALA B 140 14.94 -10.39 -27.37
C ALA B 140 14.58 -11.57 -28.23
N GLU B 141 14.80 -11.42 -29.54
CA GLU B 141 14.58 -12.52 -30.49
C GLU B 141 15.49 -13.69 -30.25
N LEU B 142 16.77 -13.40 -29.98
CA LEU B 142 17.72 -14.40 -29.55
C LEU B 142 17.24 -15.16 -28.29
N TYR B 143 16.83 -14.42 -27.26
CA TYR B 143 16.36 -15.06 -26.03
C TYR B 143 15.11 -15.88 -26.28
N GLY B 144 14.26 -15.34 -27.14
CA GLY B 144 13.06 -16.04 -27.57
C GLY B 144 13.29 -17.37 -28.29
N LYS B 145 14.17 -17.39 -29.27
CA LYS B 145 14.48 -18.59 -30.05
C LYS B 145 15.08 -19.68 -29.14
N VAL B 146 15.97 -19.27 -28.24
CA VAL B 146 16.56 -20.19 -27.27
C VAL B 146 15.61 -20.63 -26.17
N GLY B 147 14.63 -19.79 -25.84
CA GLY B 147 13.73 -20.06 -24.72
C GLY B 147 14.24 -19.63 -23.36
N VAL B 148 15.31 -18.82 -23.30
CA VAL B 148 15.88 -18.40 -22.00
C VAL B 148 15.17 -17.18 -21.40
N PRO B 149 14.83 -17.22 -20.09
CA PRO B 149 14.20 -16.02 -19.49
C PRO B 149 15.16 -14.89 -19.39
N PHE B 150 14.66 -13.65 -19.42
CA PHE B 150 15.53 -12.48 -19.25
C PHE B 150 14.91 -11.31 -18.54
N VAL B 151 15.80 -10.45 -18.07
CA VAL B 151 15.46 -9.20 -17.43
C VAL B 151 16.15 -8.13 -18.25
N MET B 152 15.36 -7.23 -18.87
CA MET B 152 15.90 -6.19 -19.73
C MET B 152 15.66 -4.78 -19.16
N GLY B 153 16.74 -4.12 -18.82
CA GLY B 153 16.78 -2.72 -18.45
C GLY B 153 17.17 -1.78 -19.58
N THR B 154 17.60 -2.35 -20.71
CA THR B 154 17.97 -1.55 -21.85
C THR B 154 16.79 -0.70 -22.30
N THR B 155 17.04 0.59 -22.50
CA THR B 155 16.05 1.52 -23.04
C THR B 155 16.09 1.60 -24.55
N GLY B 156 15.00 2.08 -25.12
CA GLY B 156 14.92 2.34 -26.56
C GLY B 156 14.70 1.05 -27.31
N GLY B 157 14.91 1.11 -28.62
CA GLY B 157 14.55 0.05 -29.54
C GLY B 157 13.09 0.15 -29.94
N ASP B 158 12.66 -0.70 -30.87
CA ASP B 158 11.24 -0.81 -31.22
C ASP B 158 10.53 -1.50 -30.06
N ARG B 159 9.97 -0.71 -29.15
CA ARG B 159 9.39 -1.23 -27.94
C ARG B 159 8.15 -2.07 -28.22
N THR B 160 7.38 -1.71 -29.23
CA THR B 160 6.22 -2.52 -29.63
C THR B 160 6.66 -3.91 -30.15
N ARG B 161 7.62 -3.91 -31.06
CA ARG B 161 8.22 -5.14 -31.59
C ARG B 161 8.79 -6.02 -30.47
N LEU B 162 9.48 -5.37 -29.51
CA LEU B 162 9.93 -6.06 -28.32
C LEU B 162 8.83 -6.83 -27.63
N TYR B 163 7.72 -6.18 -27.29
CA TYR B 163 6.63 -6.87 -26.60
C TYR B 163 6.05 -7.98 -27.46
N LYS B 164 5.86 -7.71 -28.75
CA LYS B 164 5.29 -8.70 -29.69
C LYS B 164 6.10 -9.99 -29.65
N THR B 165 7.40 -9.84 -29.89
CA THR B 165 8.38 -10.92 -29.89
C THR B 165 8.36 -11.78 -28.64
N VAL B 166 8.45 -11.13 -27.49
CA VAL B 166 8.53 -11.80 -26.23
C VAL B 166 7.21 -12.54 -25.94
N GLU B 167 6.09 -11.93 -26.26
CA GLU B 167 4.82 -12.59 -26.04
C GLU B 167 4.67 -13.82 -26.95
N GLU B 168 5.04 -13.66 -28.22
CA GLU B 168 5.01 -14.75 -29.22
C GLU B 168 5.88 -15.93 -28.84
N SER B 169 7.09 -15.66 -28.34
CA SER B 169 8.01 -16.74 -27.99
C SER B 169 7.64 -17.42 -26.66
N LYS B 170 6.71 -16.84 -25.91
CA LYS B 170 6.18 -17.46 -24.72
C LYS B 170 7.24 -17.66 -23.63
N ILE B 171 8.27 -16.81 -23.56
CA ILE B 171 9.22 -16.88 -22.44
C ILE B 171 8.89 -15.94 -21.29
N TYR B 172 9.53 -16.21 -20.15
CA TYR B 172 9.44 -15.39 -18.97
C TYR B 172 10.36 -14.18 -19.14
N ALA B 173 9.85 -13.00 -18.78
CA ALA B 173 10.69 -11.79 -18.77
C ALA B 173 10.20 -10.68 -17.88
N VAL B 174 11.14 -9.91 -17.38
CA VAL B 174 10.88 -8.60 -16.77
C VAL B 174 11.42 -7.57 -17.72
N ILE B 175 10.56 -6.70 -18.21
CA ILE B 175 10.97 -5.58 -19.07
C ILE B 175 10.58 -4.29 -18.34
N SER B 176 11.57 -3.44 -18.13
CA SER B 176 11.38 -2.19 -17.44
C SER B 176 12.45 -1.20 -17.82
N PRO B 177 12.05 -0.12 -18.50
CA PRO B 177 13.02 0.91 -18.82
C PRO B 177 13.59 1.69 -17.59
N GLN B 178 12.96 1.62 -16.43
CA GLN B 178 13.51 2.20 -15.21
C GLN B 178 13.66 1.07 -14.20
N MET B 179 14.90 0.82 -13.79
CA MET B 179 15.18 -0.28 -12.85
C MET B 179 15.44 0.22 -11.43
N GLY B 180 15.51 1.53 -11.25
CA GLY B 180 15.57 2.16 -9.94
C GLY B 180 14.21 2.03 -9.27
N LYS B 181 14.03 0.91 -8.61
CA LYS B 181 12.74 0.50 -8.09
C LYS B 181 12.12 1.50 -7.11
N GLN B 182 12.94 2.16 -6.30
CA GLN B 182 12.43 3.15 -5.32
C GLN B 182 11.88 4.40 -6.01
N VAL B 183 12.45 4.74 -7.16
CA VAL B 183 11.99 5.86 -7.95
C VAL B 183 10.66 5.48 -8.59
N VAL B 184 10.57 4.25 -9.09
CA VAL B 184 9.33 3.74 -9.66
C VAL B 184 8.23 3.71 -8.60
N ALA B 185 8.55 3.32 -7.37
CA ALA B 185 7.59 3.30 -6.29
C ALA B 185 7.02 4.66 -6.02
N PHE B 186 7.89 5.65 -5.96
CA PHE B 186 7.48 7.02 -5.75
C PHE B 186 6.58 7.47 -6.90
N LEU B 187 6.97 7.21 -8.14
CA LEU B 187 6.15 7.58 -9.30
C LEU B 187 4.75 6.96 -9.26
N ALA B 188 4.68 5.69 -8.94
CA ALA B 188 3.42 4.95 -8.98
C ALA B 188 2.47 5.43 -7.88
N ALA B 189 3.05 5.72 -6.71
CA ALA B 189 2.32 6.30 -5.61
C ALA B 189 1.66 7.59 -6.05
N MET B 190 2.44 8.49 -6.63
CA MET B 190 1.96 9.75 -7.13
C MET B 190 0.89 9.57 -8.20
N GLU B 191 1.08 8.61 -9.12
CA GLU B 191 0.07 8.37 -10.16
C GLU B 191 -1.26 7.99 -9.53
N ILE B 192 -1.20 7.09 -8.55
CA ILE B 192 -2.40 6.59 -7.88
C ILE B 192 -3.08 7.67 -7.06
N MET B 193 -2.29 8.43 -6.32
CA MET B 193 -2.82 9.49 -5.52
C MET B 193 -3.55 10.58 -6.39
N SER B 194 -2.87 11.04 -7.46
CA SER B 194 -3.34 12.09 -8.41
C SER B 194 -4.64 11.56 -9.08
N GLU B 195 -4.71 10.24 -9.30
CA GLU B 195 -5.92 9.59 -9.79
C GLU B 195 -7.09 9.64 -8.79
N GLN B 196 -6.79 9.53 -7.52
CA GLN B 196 -7.82 9.55 -6.48
C GLN B 196 -8.33 10.96 -6.19
N PHE B 197 -7.43 11.94 -6.21
CA PHE B 197 -7.69 13.29 -5.68
C PHE B 197 -7.34 14.35 -6.69
N PRO B 198 -8.06 14.36 -7.83
CA PRO B 198 -7.73 15.33 -8.84
C PRO B 198 -8.01 16.71 -8.30
N GLY B 199 -7.14 17.65 -8.63
CA GLY B 199 -7.33 19.05 -8.22
C GLY B 199 -6.91 19.40 -6.82
N ALA B 200 -6.33 18.46 -6.06
CA ALA B 200 -5.97 18.73 -4.66
C ALA B 200 -4.98 19.88 -4.46
N PHE B 201 -4.19 20.17 -5.47
CA PHE B 201 -3.19 21.23 -5.43
C PHE B 201 -3.53 22.29 -6.49
N ALA B 202 -4.82 22.43 -6.88
CA ALA B 202 -5.26 23.49 -7.80
C ALA B 202 -4.70 24.83 -7.33
N GLY B 203 -4.03 25.55 -8.21
CA GLY B 203 -3.53 26.88 -7.92
C GLY B 203 -2.10 26.95 -7.46
N TYR B 204 -1.58 25.85 -6.90
CA TYR B 204 -0.16 25.79 -6.48
C TYR B 204 0.74 25.93 -7.71
N SER B 205 1.93 26.49 -7.55
CA SER B 205 2.90 26.53 -8.64
C SER B 205 4.04 25.54 -8.40
N LEU B 206 4.49 24.96 -9.50
CA LEU B 206 5.51 23.94 -9.51
C LEU B 206 6.74 24.50 -10.15
N GLU B 207 7.89 24.35 -9.49
CA GLU B 207 9.17 24.39 -10.19
C GLU B 207 9.87 23.02 -10.09
N VAL B 208 10.45 22.60 -11.21
CA VAL B 208 11.11 21.30 -11.32
C VAL B 208 12.53 21.53 -11.77
N MET B 209 13.47 20.94 -11.03
CA MET B 209 14.86 20.96 -11.42
C MET B 209 15.40 19.54 -11.60
N GLU B 210 16.35 19.41 -12.52
CA GLU B 210 16.89 18.12 -12.96
C GLU B 210 18.34 18.35 -13.40
N SER B 211 19.28 17.63 -12.81
CA SER B 211 20.70 17.76 -13.21
C SER B 211 21.03 17.04 -14.52
N HIS B 212 22.25 17.28 -15.02
CA HIS B 212 22.72 16.71 -16.31
C HIS B 212 22.78 15.18 -16.29
N GLN B 213 23.32 14.61 -15.21
CA GLN B 213 23.28 13.13 -14.96
C GLN B 213 21.90 12.45 -14.58
N GLY B 221 11.54 11.74 -18.92
CA GLY B 221 10.94 10.43 -18.91
C GLY B 221 10.24 10.19 -17.58
N THR B 222 10.98 9.70 -16.57
CA THR B 222 10.46 9.56 -15.20
C THR B 222 10.00 10.92 -14.66
N ALA B 223 10.82 11.95 -14.83
CA ALA B 223 10.42 13.32 -14.44
C ALA B 223 9.16 13.79 -15.16
N LYS B 224 9.03 13.53 -16.47
CA LYS B 224 7.81 13.88 -17.19
C LYS B 224 6.58 13.23 -16.56
N ALA B 225 6.65 11.92 -16.33
CA ALA B 225 5.53 11.20 -15.68
C ALA B 225 5.18 11.75 -14.29
N VAL B 226 6.17 12.16 -13.52
CA VAL B 226 5.93 12.77 -12.22
C VAL B 226 5.20 14.12 -12.37
N ILE B 227 5.62 14.89 -13.35
CA ILE B 227 4.99 16.18 -13.66
C ILE B 227 3.50 15.96 -14.03
N SER B 228 3.20 15.00 -14.89
CA SER B 228 1.82 14.63 -15.21
C SER B 228 0.95 14.44 -14.00
N CYS B 229 1.53 13.85 -12.94
CA CYS B 229 0.82 13.63 -11.69
C CYS B 229 0.49 14.95 -11.00
N PHE B 230 1.40 15.91 -11.00
CA PHE B 230 1.09 17.24 -10.45
C PHE B 230 0.02 17.97 -11.25
N GLN B 231 0.09 17.87 -12.58
CA GLN B 231 -0.92 18.48 -13.45
C GLN B 231 -2.30 17.96 -13.13
N LYS B 232 -2.42 16.65 -12.97
CA LYS B 232 -3.66 16.02 -12.64
C LYS B 232 -4.13 16.42 -11.24
N LEU B 233 -3.17 16.79 -10.40
CA LEU B 233 -3.44 17.39 -9.09
C LEU B 233 -3.82 18.90 -9.16
N GLY B 234 -3.94 19.44 -10.38
CA GLY B 234 -4.48 20.77 -10.60
C GLY B 234 -3.45 21.86 -10.85
N VAL B 235 -2.19 21.50 -10.97
CA VAL B 235 -1.11 22.47 -11.15
C VAL B 235 -1.07 22.85 -12.62
N SER B 236 -0.82 24.13 -12.91
CA SER B 236 -0.61 24.58 -14.29
C SER B 236 0.89 24.61 -14.54
N TYR B 237 1.32 23.85 -15.53
CA TYR B 237 2.73 23.63 -15.81
C TYR B 237 2.87 23.10 -17.22
N ASP B 238 3.91 23.57 -17.90
CA ASP B 238 4.24 23.11 -19.21
C ASP B 238 5.54 22.38 -19.09
N MET B 239 5.70 21.26 -19.80
CA MET B 239 6.95 20.49 -19.77
C MET B 239 8.17 21.33 -20.13
N ASP B 240 7.98 22.30 -21.03
CA ASP B 240 9.04 23.21 -21.45
C ASP B 240 9.64 24.09 -20.31
N GLN B 241 8.96 24.18 -19.16
CA GLN B 241 9.41 24.95 -17.98
C GLN B 241 10.51 24.28 -17.12
N ILE B 242 10.87 23.01 -17.39
CA ILE B 242 11.85 22.26 -16.57
C ILE B 242 13.20 22.94 -16.65
N GLN B 243 13.84 23.15 -15.50
CA GLN B 243 15.18 23.75 -15.45
C GLN B 243 16.19 22.62 -15.42
N LEU B 244 16.91 22.46 -16.54
CA LEU B 244 18.08 21.56 -16.62
C LEU B 244 19.25 22.30 -15.96
N ILE B 245 19.81 21.71 -14.90
CA ILE B 245 20.77 22.41 -14.04
C ILE B 245 22.21 21.90 -14.19
N ARG B 246 23.16 22.83 -14.08
CA ARG B 246 24.59 22.56 -14.24
C ARG B 246 25.34 22.56 -12.90
N ASP B 247 25.10 23.55 -12.05
CA ASP B 247 25.89 23.76 -10.82
C ASP B 247 25.66 22.64 -9.78
N PRO B 248 26.68 22.38 -8.92
CA PRO B 248 26.51 21.39 -7.85
C PRO B 248 25.60 21.82 -6.68
N LYS B 249 25.17 23.08 -6.66
CA LYS B 249 24.14 23.55 -5.72
C LYS B 249 23.10 24.42 -6.45
N GLN B 250 21.85 24.35 -6.00
CA GLN B 250 20.83 25.27 -6.51
C GLN B 250 19.84 25.71 -5.44
N GLN B 251 19.38 26.95 -5.60
CA GLN B 251 18.56 27.64 -4.61
C GLN B 251 17.07 27.60 -4.97
N ILE B 252 16.21 27.45 -3.96
CA ILE B 252 14.77 27.70 -4.10
C ILE B 252 14.30 28.60 -2.97
N GLU B 253 13.08 29.11 -3.11
CA GLU B 253 12.50 30.03 -2.14
C GLU B 253 11.48 29.28 -1.28
N VAL B 254 11.81 29.07 0.00
CA VAL B 254 10.91 28.43 0.97
C VAL B 254 10.34 29.46 1.98
N VAL B 255 9.10 29.90 1.74
CA VAL B 255 8.42 30.89 2.56
C VAL B 255 9.27 32.17 2.65
N GLY B 256 9.64 32.69 1.49
CA GLY B 256 10.47 33.90 1.41
C GLY B 256 11.89 33.79 1.96
N VAL B 257 12.42 32.55 2.04
CA VAL B 257 13.78 32.29 2.56
C VAL B 257 14.55 31.37 1.60
N PRO B 258 15.75 31.79 1.14
CA PRO B 258 16.60 30.92 0.30
C PRO B 258 16.95 29.57 0.93
N GLU B 259 16.88 28.49 0.15
CA GLU B 259 17.27 27.15 0.59
C GLU B 259 18.21 26.54 -0.45
N GLU B 260 19.44 26.22 -0.05
CA GLU B 260 20.45 25.67 -0.95
C GLU B 260 20.26 24.16 -0.99
N HIS B 261 20.23 23.60 -2.21
CA HIS B 261 20.10 22.17 -2.42
C HIS B 261 21.28 21.55 -3.16
N VAL B 262 21.70 20.39 -2.69
CA VAL B 262 22.82 19.63 -3.25
C VAL B 262 22.30 19.03 -4.54
N SER B 263 22.81 19.53 -5.66
CA SER B 263 22.30 19.16 -6.97
C SER B 263 23.35 18.47 -7.85
N GLY B 264 24.38 17.89 -7.21
CA GLY B 264 25.35 17.05 -7.90
C GLY B 264 24.80 15.66 -8.21
N HIS B 265 25.55 14.94 -9.04
CA HIS B 265 25.23 13.59 -9.50
C HIS B 265 23.89 13.61 -10.25
N ALA B 266 23.04 12.60 -10.07
CA ALA B 266 21.71 12.62 -10.66
C ALA B 266 20.77 13.18 -9.61
N PHE B 267 20.24 14.38 -9.84
CA PHE B 267 19.38 15.08 -8.90
C PHE B 267 18.03 15.43 -9.54
N HIS B 268 16.95 15.26 -8.78
CA HIS B 268 15.61 15.73 -9.14
C HIS B 268 15.00 16.50 -7.98
N LEU B 269 14.45 17.69 -8.23
CA LEU B 269 13.72 18.43 -7.20
C LEU B 269 12.39 18.89 -7.76
N TYR B 270 11.30 18.54 -7.08
CA TYR B 270 9.96 19.00 -7.41
C TYR B 270 9.46 19.86 -6.24
N HIS B 271 9.26 21.16 -6.49
CA HIS B 271 8.91 22.14 -5.45
C HIS B 271 7.54 22.75 -5.75
N LEU B 272 6.60 22.59 -4.83
CA LEU B 272 5.25 23.17 -4.96
C LEU B 272 5.08 24.32 -3.96
N THR B 273 4.47 25.41 -4.42
CA THR B 273 4.22 26.59 -3.61
C THR B 273 2.74 26.99 -3.73
N SER B 274 2.10 27.27 -2.61
CA SER B 274 0.70 27.77 -2.65
C SER B 274 0.66 29.16 -3.29
N PRO B 275 -0.48 29.55 -3.89
CA PRO B 275 -0.70 30.93 -4.37
C PRO B 275 -0.22 32.04 -3.42
N ASP B 276 -0.57 31.96 -2.12
CA ASP B 276 -0.14 32.98 -1.13
C ASP B 276 1.29 32.80 -0.58
N LYS B 277 2.04 31.84 -1.14
CA LYS B 277 3.43 31.55 -0.76
C LYS B 277 3.64 31.04 0.68
N THR B 278 2.57 30.75 1.42
CA THR B 278 2.72 30.34 2.83
C THR B 278 2.92 28.81 2.99
N VAL B 279 2.75 28.07 1.90
CA VAL B 279 2.90 26.60 1.90
C VAL B 279 3.91 26.17 0.84
N SER B 280 4.94 25.43 1.28
CA SER B 280 5.96 24.84 0.41
C SER B 280 6.01 23.33 0.63
N PHE B 281 6.06 22.57 -0.47
CA PHE B 281 6.25 21.11 -0.45
C PHE B 281 7.46 20.78 -1.33
N GLU B 282 8.32 19.87 -0.88
CA GLU B 282 9.44 19.42 -1.70
C GLU B 282 9.51 17.89 -1.77
N PHE B 283 9.83 17.40 -2.96
CA PHE B 283 10.11 15.98 -3.21
C PHE B 283 11.46 15.98 -3.94
N GLN B 284 12.46 15.35 -3.34
CA GLN B 284 13.79 15.34 -3.93
C GLN B 284 14.42 13.96 -3.89
N HIS B 285 15.16 13.62 -4.95
CA HIS B 285 16.08 12.49 -4.87
C HIS B 285 17.41 12.74 -5.54
N ASN B 286 18.43 12.17 -4.92
CA ASN B 286 19.81 12.19 -5.40
C ASN B 286 20.32 10.75 -5.55
N VAL B 287 20.91 10.44 -6.69
CA VAL B 287 21.47 9.13 -6.97
C VAL B 287 22.92 9.28 -7.43
N CYS B 288 23.83 8.60 -6.73
CA CYS B 288 25.24 8.55 -7.12
C CYS B 288 25.56 7.16 -7.64
N GLY B 289 26.21 7.09 -8.80
CA GLY B 289 26.55 5.81 -9.39
C GLY B 289 25.33 5.02 -9.83
N ARG B 290 25.48 3.70 -9.88
CA ARG B 290 24.48 2.81 -10.48
C ARG B 290 23.93 1.71 -9.59
N SER B 291 24.35 1.71 -8.33
CA SER B 291 23.88 0.80 -7.32
C SER B 291 22.35 0.60 -7.26
N ILE B 292 21.60 1.69 -7.24
CA ILE B 292 20.13 1.60 -7.21
C ILE B 292 19.56 0.77 -8.39
N TYR B 293 20.13 0.98 -9.57
CA TYR B 293 19.67 0.29 -10.77
C TYR B 293 20.11 -1.20 -10.75
N ALA B 294 21.34 -1.46 -10.29
CA ALA B 294 21.85 -2.83 -10.13
C ALA B 294 21.01 -3.62 -9.12
N GLU B 295 20.75 -3.00 -7.97
CA GLU B 295 19.96 -3.63 -6.91
C GLU B 295 18.54 -3.93 -7.36
N GLY B 296 17.95 -3.04 -8.14
CA GLY B 296 16.63 -3.28 -8.72
C GLY B 296 16.62 -4.34 -9.79
N THR B 297 17.64 -4.34 -10.64
CA THR B 297 17.82 -5.41 -11.61
C THR B 297 17.91 -6.80 -10.90
N VAL B 298 18.68 -6.87 -9.83
CA VAL B 298 18.79 -8.11 -9.06
C VAL B 298 17.44 -8.51 -8.49
N ASP B 299 16.73 -7.53 -7.92
CA ASP B 299 15.38 -7.78 -7.45
C ASP B 299 14.48 -8.34 -8.54
N ALA B 300 14.60 -7.84 -9.74
CA ALA B 300 13.81 -8.41 -10.82
C ALA B 300 14.18 -9.85 -11.18
N VAL B 301 15.47 -10.16 -11.09
CA VAL B 301 15.97 -11.54 -11.33
C VAL B 301 15.38 -12.49 -10.31
N LEU B 302 15.44 -12.10 -9.03
CA LEU B 302 14.88 -12.93 -7.99
C LEU B 302 13.38 -13.08 -8.16
N PHE B 303 12.70 -11.99 -8.51
CA PHE B 303 11.24 -12.03 -8.76
C PHE B 303 10.92 -13.01 -9.89
N LEU B 304 11.63 -12.88 -10.99
CA LEU B 304 11.41 -13.74 -12.16
C LEU B 304 11.70 -15.24 -11.83
N ALA B 305 12.75 -15.50 -11.04
CA ALA B 305 13.05 -16.88 -10.63
C ALA B 305 11.86 -17.49 -9.83
N LYS B 306 11.24 -16.70 -8.94
CA LYS B 306 10.04 -17.17 -8.17
C LYS B 306 8.92 -17.54 -9.11
N LYS B 307 8.72 -16.73 -10.15
CA LYS B 307 7.65 -16.97 -11.13
C LYS B 307 7.88 -18.17 -12.05
N ILE B 308 9.11 -18.36 -12.49
CA ILE B 308 9.50 -19.57 -13.25
C ILE B 308 9.30 -20.82 -12.41
N ARG B 309 9.90 -20.85 -11.22
CA ARG B 309 9.77 -21.97 -10.27
C ARG B 309 8.31 -22.33 -10.01
N SER B 310 7.45 -21.32 -9.90
CA SER B 310 6.01 -21.51 -9.65
C SER B 310 5.21 -21.76 -10.91
N LYS B 311 5.84 -21.71 -12.08
CA LYS B 311 5.20 -21.95 -13.36
C LYS B 311 3.97 -21.04 -13.62
N ALA B 312 4.14 -19.73 -13.41
CA ALA B 312 3.04 -18.76 -13.48
C ALA B 312 2.52 -18.56 -14.90
N GLU B 313 1.20 -18.45 -15.06
CA GLU B 313 0.59 -18.25 -16.38
C GLU B 313 1.14 -16.93 -17.01
N LYS B 314 1.12 -15.86 -16.23
CA LYS B 314 1.67 -14.59 -16.70
C LYS B 314 3.16 -14.74 -16.98
N ARG B 315 3.56 -14.26 -18.15
CA ARG B 315 4.91 -14.43 -18.65
C ARG B 315 5.76 -13.18 -18.58
N ILE B 316 5.17 -12.04 -18.96
CA ILE B 316 5.92 -10.79 -19.12
C ILE B 316 5.57 -9.79 -18.00
N TYR B 317 6.59 -9.28 -17.32
CA TYR B 317 6.43 -8.53 -16.07
C TYR B 317 7.15 -7.21 -16.13
N ASN B 318 6.82 -6.29 -15.23
CA ASN B 318 7.51 -4.97 -15.10
C ASN B 318 7.82 -4.68 -13.66
N MET B 319 8.41 -3.53 -13.39
CA MET B 319 8.92 -3.24 -12.06
C MET B 319 7.79 -3.01 -11.05
N ILE B 320 6.59 -2.68 -11.51
CA ILE B 320 5.42 -2.61 -10.63
C ILE B 320 5.09 -3.98 -10.12
N ASP B 321 5.17 -4.99 -11.01
CA ASP B 321 4.95 -6.38 -10.61
C ASP B 321 5.93 -6.81 -9.52
N VAL B 322 7.18 -6.44 -9.69
CA VAL B 322 8.27 -6.78 -8.77
C VAL B 322 7.96 -6.11 -7.44
N LEU B 323 7.68 -4.81 -7.48
CA LEU B 323 7.37 -4.03 -6.27
C LEU B 323 6.22 -4.59 -5.44
N ARG B 324 5.19 -5.12 -6.09
CA ARG B 324 4.06 -5.67 -5.37
C ARG B 324 4.34 -6.99 -4.67
N GLU B 325 5.35 -7.72 -5.14
CA GLU B 325 5.70 -9.01 -4.57
C GLU B 325 6.25 -8.83 -3.18
N GLY B 326 6.87 -7.68 -2.92
CA GLY B 326 7.58 -7.44 -1.65
C GLY B 326 9.10 -7.57 -1.78
N ASN B 327 9.77 -7.22 -0.70
CA ASN B 327 11.21 -7.48 -0.52
C ASN B 327 11.48 -8.98 -0.56
N MET B 328 12.49 -9.38 -1.32
CA MET B 328 12.89 -10.79 -1.44
C MET B 328 14.26 -11.09 -0.89
N ARG B 329 14.92 -10.05 -0.38
CA ARG B 329 16.24 -10.18 0.27
C ARG B 329 16.16 -9.83 1.77
N ALA C 50 -18.00 33.63 -5.57
CA ALA C 50 -18.67 32.91 -6.71
C ALA C 50 -18.90 31.41 -6.42
N PRO C 51 -17.83 30.63 -6.09
CA PRO C 51 -18.03 29.22 -5.63
C PRO C 51 -18.86 29.08 -4.34
N GLY C 52 -18.65 29.98 -3.38
CA GLY C 52 -19.45 30.05 -2.13
C GLY C 52 -20.86 30.63 -2.21
N ASN C 53 -21.21 31.16 -3.38
CA ASN C 53 -22.52 31.77 -3.62
C ASN C 53 -23.71 30.94 -3.14
N GLY C 54 -24.47 31.49 -2.20
CA GLY C 54 -25.67 30.84 -1.67
C GLY C 54 -25.43 29.92 -0.49
N ILE C 55 -24.23 29.95 0.09
CA ILE C 55 -23.90 29.22 1.30
C ILE C 55 -23.53 30.22 2.35
N SER C 56 -23.99 29.98 3.58
CA SER C 56 -23.64 30.82 4.72
C SER C 56 -23.03 29.96 5.79
N ILE C 57 -22.05 30.49 6.50
CA ILE C 57 -21.44 29.76 7.62
C ILE C 57 -21.44 30.57 8.92
N MET C 58 -21.59 29.84 10.02
CA MET C 58 -21.31 30.35 11.35
C MET C 58 -19.96 29.78 11.79
N VAL C 59 -19.06 30.68 12.17
CA VAL C 59 -17.78 30.31 12.69
C VAL C 59 -17.80 30.35 14.22
N ASN C 60 -18.00 29.17 14.81
CA ASN C 60 -17.83 28.95 16.22
C ASN C 60 -16.36 28.79 16.51
N GLY C 61 -15.84 29.67 17.35
CA GLY C 61 -14.43 29.91 17.52
C GLY C 61 -13.91 31.07 16.67
N CYS C 62 -14.78 32.04 16.30
CA CYS C 62 -14.35 33.21 15.48
C CYS C 62 -13.35 34.12 16.16
N SER C 63 -13.26 34.10 17.48
CA SER C 63 -12.31 35.02 18.16
C SER C 63 -10.85 34.52 18.11
N GLY C 64 -10.60 33.29 17.64
CA GLY C 64 -9.27 32.71 17.62
C GLY C 64 -8.58 32.94 16.31
N LYS C 65 -7.28 32.66 16.30
CA LYS C 65 -6.44 32.78 15.10
C LYS C 65 -6.97 31.95 13.92
N MET C 66 -7.45 30.74 14.19
CA MET C 66 -7.97 29.84 13.14
C MET C 66 -9.33 30.28 12.59
N GLY C 67 -10.23 30.70 13.48
CA GLY C 67 -11.55 31.20 13.08
C GLY C 67 -11.40 32.40 12.17
N LYS C 68 -10.47 33.27 12.48
CA LYS C 68 -10.23 34.46 11.70
C LYS C 68 -9.78 34.12 10.30
N ALA C 69 -8.85 33.16 10.22
CA ALA C 69 -8.35 32.66 8.93
C ALA C 69 -9.44 32.00 8.12
N VAL C 70 -10.30 31.24 8.77
CA VAL C 70 -11.45 30.66 8.09
C VAL C 70 -12.40 31.75 7.52
N ILE C 71 -12.67 32.78 8.31
CA ILE C 71 -13.53 33.88 7.88
C ILE C 71 -12.95 34.55 6.61
N LYS C 72 -11.68 34.93 6.66
CA LYS C 72 -10.95 35.44 5.50
C LYS C 72 -11.10 34.57 4.24
N ALA C 73 -10.74 33.29 4.37
CA ALA C 73 -10.83 32.39 3.25
C ALA C 73 -12.25 32.27 2.73
N ALA C 74 -13.21 32.04 3.62
CA ALA C 74 -14.60 31.85 3.20
C ALA C 74 -15.10 33.12 2.48
N ASP C 75 -14.68 34.27 2.98
CA ASP C 75 -15.04 35.52 2.35
C ASP C 75 -14.46 35.62 0.94
N SER C 76 -13.16 35.35 0.75
CA SER C 76 -12.55 35.28 -0.60
C SER C 76 -13.30 34.37 -1.57
N ALA C 77 -13.83 33.26 -1.07
CA ALA C 77 -14.60 32.33 -1.87
C ALA C 77 -16.09 32.71 -2.05
N GLY C 78 -16.49 33.90 -1.58
CA GLY C 78 -17.86 34.33 -1.67
C GLY C 78 -18.87 33.63 -0.79
N VAL C 79 -18.41 32.99 0.29
CA VAL C 79 -19.30 32.40 1.27
C VAL C 79 -19.74 33.51 2.23
N ASN C 80 -21.04 33.55 2.48
CA ASN C 80 -21.60 34.47 3.45
C ASN C 80 -21.30 34.06 4.88
N ILE C 81 -21.03 35.07 5.71
CA ILE C 81 -20.63 34.89 7.09
C ILE C 81 -21.69 35.45 8.02
N VAL C 82 -22.39 34.59 8.75
CA VAL C 82 -23.44 35.05 9.61
C VAL C 82 -22.82 35.89 10.73
N PRO C 83 -23.41 37.06 11.01
CA PRO C 83 -22.86 37.95 12.03
C PRO C 83 -23.02 37.45 13.48
N THR C 84 -23.03 36.14 13.70
CA THR C 84 -23.45 35.57 14.98
C THR C 84 -22.54 34.40 15.34
N SER C 85 -22.24 34.25 16.63
CA SER C 85 -21.39 33.16 17.08
C SER C 85 -21.59 32.86 18.58
N PHE C 86 -20.86 31.88 19.08
CA PHE C 86 -20.95 31.41 20.48
C PHE C 86 -19.60 31.58 21.20
N GLY C 87 -19.68 31.69 22.52
CA GLY C 87 -18.53 31.92 23.38
C GLY C 87 -18.95 31.97 24.84
N SER C 88 -18.04 32.47 25.67
CA SER C 88 -18.06 32.34 27.13
C SER C 88 -18.45 33.66 27.77
N GLY C 93 -21.73 38.49 24.92
CA GLY C 93 -22.48 39.70 24.37
C GLY C 93 -21.65 40.77 23.62
N GLN C 94 -20.35 40.51 23.33
CA GLN C 94 -19.45 41.42 22.62
C GLN C 94 -19.19 41.06 21.13
N THR C 95 -18.48 41.95 20.42
CA THR C 95 -18.35 41.87 18.97
C THR C 95 -16.91 41.59 18.48
N VAL C 96 -16.79 40.76 17.44
CA VAL C 96 -15.50 40.36 16.87
C VAL C 96 -15.40 41.06 15.52
N GLU C 97 -14.47 42.00 15.39
CA GLU C 97 -14.22 42.67 14.10
C GLU C 97 -13.21 41.84 13.30
N VAL C 98 -13.65 41.29 12.16
CA VAL C 98 -12.79 40.44 11.32
C VAL C 98 -13.17 40.59 9.86
N CYS C 99 -12.21 40.95 9.02
CA CYS C 99 -12.41 40.93 7.58
C CYS C 99 -13.57 41.84 7.14
N GLY C 100 -13.73 42.98 7.82
CA GLY C 100 -14.90 43.85 7.64
C GLY C 100 -16.20 43.36 8.28
N LYS C 101 -16.25 42.13 8.75
CA LYS C 101 -17.43 41.61 9.44
C LYS C 101 -17.38 42.00 10.90
N GLU C 102 -18.57 42.18 11.47
CA GLU C 102 -18.76 42.31 12.91
C GLU C 102 -19.58 41.08 13.36
N ILE C 103 -19.02 40.24 14.22
CA ILE C 103 -19.74 39.04 14.67
C ILE C 103 -20.08 39.22 16.14
N LEU C 104 -21.34 38.98 16.46
CA LEU C 104 -21.82 39.09 17.80
C LEU C 104 -21.69 37.74 18.51
N VAL C 105 -20.90 37.71 19.56
CA VAL C 105 -20.72 36.55 20.37
C VAL C 105 -21.82 36.40 21.42
N HIS C 106 -22.54 35.29 21.36
CA HIS C 106 -23.51 34.91 22.37
C HIS C 106 -22.88 34.03 23.43
N GLY C 107 -23.39 34.13 24.64
CA GLY C 107 -22.99 33.21 25.69
C GLY C 107 -23.56 31.83 25.51
N PRO C 108 -23.25 30.95 26.44
CA PRO C 108 -23.55 29.50 26.27
C PRO C 108 -24.87 29.03 26.91
N THR C 109 -25.58 29.93 27.57
CA THR C 109 -26.90 29.69 28.08
C THR C 109 -27.81 29.74 26.86
N GLU C 110 -28.83 28.89 26.83
CA GLU C 110 -29.88 28.95 25.77
C GLU C 110 -29.43 28.82 24.27
N ARG C 111 -28.22 28.36 24.10
CA ARG C 111 -27.61 28.04 22.79
C ARG C 111 -28.55 27.43 21.75
N GLU C 112 -29.23 26.38 22.18
CA GLU C 112 -30.02 25.53 21.30
C GLU C 112 -31.07 26.40 20.61
N LYS C 113 -31.74 27.24 21.40
CA LYS C 113 -32.80 28.14 20.89
C LYS C 113 -32.20 29.21 19.99
N VAL C 114 -31.05 29.75 20.38
CA VAL C 114 -30.39 30.78 19.60
C VAL C 114 -29.92 30.22 18.29
N LEU C 115 -29.23 29.09 18.32
CA LEU C 115 -28.81 28.46 17.08
C LEU C 115 -29.99 28.13 16.15
N SER C 116 -31.10 27.65 16.72
CA SER C 116 -32.31 27.37 15.92
C SER C 116 -32.84 28.59 15.20
N SER C 117 -32.90 29.75 15.86
CA SER C 117 -33.44 30.97 15.22
C SER C 117 -32.53 31.42 14.08
N VAL C 118 -31.22 31.33 14.30
CA VAL C 118 -30.26 31.61 13.22
C VAL C 118 -30.45 30.65 12.05
N PHE C 119 -30.70 29.38 12.34
CA PHE C 119 -30.95 28.37 11.29
C PHE C 119 -32.24 28.62 10.51
N GLU C 120 -33.29 29.05 11.20
CA GLU C 120 -34.52 29.42 10.52
C GLU C 120 -34.36 30.64 9.59
N LYS C 121 -33.57 31.61 10.01
CA LYS C 121 -33.23 32.76 9.15
C LYS C 121 -32.24 32.39 8.04
N TYR C 122 -31.40 31.36 8.25
CA TYR C 122 -30.41 30.91 7.25
C TYR C 122 -30.50 29.39 7.02
N PRO C 123 -31.53 28.94 6.29
CA PRO C 123 -31.66 27.51 5.94
C PRO C 123 -30.46 26.85 5.23
N GLU C 124 -29.65 27.67 4.55
CA GLU C 124 -28.41 27.24 3.86
C GLU C 124 -27.17 27.20 4.76
N LEU C 125 -27.36 27.35 6.06
CA LEU C 125 -26.26 27.44 7.00
C LEU C 125 -25.46 26.15 7.09
N ILE C 126 -24.15 26.31 7.25
CA ILE C 126 -23.27 25.26 7.73
C ILE C 126 -22.37 25.84 8.81
N VAL C 127 -22.25 25.14 9.94
CA VAL C 127 -21.43 25.62 11.03
C VAL C 127 -20.03 25.11 10.83
N VAL C 128 -19.04 25.98 11.06
CA VAL C 128 -17.66 25.61 11.10
C VAL C 128 -17.27 25.61 12.58
N ASP C 129 -16.77 24.47 13.07
CA ASP C 129 -16.36 24.32 14.45
C ASP C 129 -14.85 24.19 14.57
N TYR C 130 -14.24 25.27 15.06
CA TYR C 130 -12.88 25.29 15.55
C TYR C 130 -12.90 25.82 16.98
N THR C 131 -13.21 24.92 17.91
CA THR C 131 -13.32 25.28 19.33
C THR C 131 -12.20 24.64 20.17
N ILE C 132 -12.54 23.81 21.15
CA ILE C 132 -11.56 23.20 22.05
C ILE C 132 -11.96 21.74 22.30
N PRO C 133 -10.99 20.90 22.71
CA PRO C 133 -11.30 19.49 22.88
C PRO C 133 -12.52 19.17 23.72
N SER C 134 -12.69 19.86 24.84
CA SER C 134 -13.79 19.56 25.71
C SER C 134 -15.18 19.92 25.13
N ALA C 135 -15.25 20.73 24.04
CA ALA C 135 -16.53 21.20 23.47
C ALA C 135 -16.98 20.32 22.32
N VAL C 136 -16.08 19.48 21.82
CA VAL C 136 -16.32 18.72 20.60
C VAL C 136 -17.63 17.90 20.66
N ASN C 137 -17.82 17.16 21.74
CA ASN C 137 -19.06 16.37 21.83
C ASN C 137 -20.34 17.15 22.10
N ASP C 138 -20.25 18.07 23.05
CA ASP C 138 -21.32 19.04 23.27
C ASP C 138 -21.78 19.70 22.01
N ASN C 139 -20.82 20.25 21.28
CA ASN C 139 -21.15 21.03 20.10
C ASN C 139 -21.75 20.19 19.02
N ALA C 140 -21.22 18.97 18.89
CA ALA C 140 -21.78 18.00 17.93
C ALA C 140 -23.19 17.66 18.31
N GLU C 141 -23.45 17.50 19.61
CA GLU C 141 -24.82 17.24 20.08
C GLU C 141 -25.76 18.44 19.85
N LEU C 142 -25.27 19.66 20.11
CA LEU C 142 -26.00 20.91 19.79
C LEU C 142 -26.36 20.98 18.31
N TYR C 143 -25.39 20.73 17.43
CA TYR C 143 -25.66 20.75 15.99
C TYR C 143 -26.64 19.63 15.62
N GLY C 144 -26.49 18.48 16.26
CA GLY C 144 -27.43 17.37 16.09
C GLY C 144 -28.86 17.72 16.47
N LYS C 145 -29.08 18.31 17.65
CA LYS C 145 -30.45 18.64 18.12
C LYS C 145 -31.12 19.64 17.18
N VAL C 146 -30.36 20.64 16.76
CA VAL C 146 -30.85 21.66 15.83
C VAL C 146 -31.00 21.11 14.41
N GLY C 147 -30.23 20.08 14.04
CA GLY C 147 -30.24 19.54 12.66
C GLY C 147 -29.35 20.31 11.69
N VAL C 148 -28.47 21.18 12.18
CA VAL C 148 -27.61 21.98 11.30
C VAL C 148 -26.35 21.20 10.85
N PRO C 149 -26.04 21.23 9.54
CA PRO C 149 -24.81 20.57 9.11
C PRO C 149 -23.59 21.32 9.59
N PHE C 150 -22.48 20.59 9.80
CA PHE C 150 -21.25 21.24 10.23
C PHE C 150 -19.97 20.60 9.69
N VAL C 151 -18.91 21.41 9.77
CA VAL C 151 -17.59 21.01 9.43
C VAL C 151 -16.82 21.24 10.71
N MET C 152 -16.24 20.18 11.25
CA MET C 152 -15.43 20.26 12.45
C MET C 152 -13.95 19.96 12.19
N GLY C 153 -13.10 20.98 12.39
CA GLY C 153 -11.66 20.83 12.41
C GLY C 153 -11.07 20.75 13.81
N THR C 154 -11.90 20.98 14.83
CA THR C 154 -11.43 20.88 16.20
C THR C 154 -10.84 19.46 16.45
N THR C 155 -9.62 19.43 16.99
CA THR C 155 -8.97 18.18 17.41
C THR C 155 -9.30 17.82 18.85
N GLY C 156 -9.12 16.54 19.16
CA GLY C 156 -9.27 16.03 20.52
C GLY C 156 -10.72 15.77 20.81
N GLY C 157 -11.00 15.60 22.10
CA GLY C 157 -12.34 15.22 22.55
C GLY C 157 -12.47 13.72 22.53
N ASP C 158 -13.60 13.26 23.03
CA ASP C 158 -13.97 11.88 22.96
C ASP C 158 -14.37 11.61 21.48
N ARG C 159 -13.37 11.18 20.69
CA ARG C 159 -13.56 11.03 19.25
C ARG C 159 -14.55 9.92 18.92
N THR C 160 -14.54 8.86 19.72
CA THR C 160 -15.48 7.76 19.54
C THR C 160 -16.92 8.23 19.77
N ARG C 161 -17.12 8.91 20.91
CA ARG C 161 -18.40 9.58 21.23
C ARG C 161 -18.87 10.47 20.07
N LEU C 162 -17.95 11.29 19.59
CA LEU C 162 -18.23 12.16 18.46
C LEU C 162 -18.84 11.43 17.27
N TYR C 163 -18.15 10.37 16.80
CA TYR C 163 -18.65 9.63 15.65
C TYR C 163 -20.00 8.99 15.95
N LYS C 164 -20.15 8.41 17.15
CA LYS C 164 -21.43 7.79 17.60
C LYS C 164 -22.60 8.78 17.51
N THR C 165 -22.43 9.93 18.17
CA THR C 165 -23.39 11.04 18.15
C THR C 165 -23.85 11.44 16.75
N VAL C 166 -22.88 11.72 15.90
CA VAL C 166 -23.17 12.32 14.59
C VAL C 166 -23.85 11.29 13.70
N GLU C 167 -23.44 10.02 13.81
CA GLU C 167 -24.11 8.95 13.04
C GLU C 167 -25.54 8.78 13.51
N GLU C 168 -25.73 8.78 14.83
CA GLU C 168 -27.06 8.73 15.45
C GLU C 168 -27.99 9.90 15.05
N SER C 169 -27.49 11.13 15.07
CA SER C 169 -28.33 12.30 14.80
C SER C 169 -28.65 12.46 13.32
N LYS C 170 -27.95 11.72 12.47
CA LYS C 170 -28.28 11.66 11.05
C LYS C 170 -28.14 13.02 10.31
N ILE C 171 -27.23 13.88 10.76
CA ILE C 171 -26.95 15.14 10.05
C ILE C 171 -25.78 14.97 9.12
N TYR C 172 -25.65 15.95 8.23
CA TYR C 172 -24.53 16.06 7.35
C TYR C 172 -23.36 16.67 8.10
N ALA C 173 -22.17 16.07 7.92
CA ALA C 173 -20.96 16.62 8.50
C ALA C 173 -19.67 16.18 7.83
N VAL C 174 -18.69 17.08 7.86
CA VAL C 174 -17.30 16.76 7.57
C VAL C 174 -16.57 16.81 8.88
N ILE C 175 -15.97 15.69 9.28
CA ILE C 175 -15.09 15.61 10.46
C ILE C 175 -13.70 15.21 10.02
N SER C 176 -12.71 16.03 10.37
CA SER C 176 -11.33 15.79 9.97
C SER C 176 -10.36 16.51 10.85
N PRO C 177 -9.50 15.76 11.55
CA PRO C 177 -8.58 16.40 12.48
C PRO C 177 -7.39 17.04 11.77
N GLN C 178 -7.23 16.77 10.49
CA GLN C 178 -6.29 17.53 9.70
C GLN C 178 -7.06 18.20 8.53
N MET C 179 -7.06 19.54 8.49
CA MET C 179 -7.79 20.25 7.45
C MET C 179 -6.87 20.77 6.37
N GLY C 180 -5.55 20.64 6.58
CA GLY C 180 -4.56 20.91 5.55
C GLY C 180 -4.63 19.83 4.50
N LYS C 181 -5.49 20.05 3.54
CA LYS C 181 -5.84 19.05 2.55
C LYS C 181 -4.65 18.53 1.74
N GLN C 182 -3.69 19.39 1.45
CA GLN C 182 -2.52 19.00 0.67
C GLN C 182 -1.61 18.08 1.48
N VAL C 183 -1.57 18.28 2.79
CA VAL C 183 -0.81 17.42 3.69
C VAL C 183 -1.47 16.06 3.76
N VAL C 184 -2.79 16.06 3.81
CA VAL C 184 -3.55 14.82 3.78
C VAL C 184 -3.28 14.06 2.46
N ALA C 185 -3.22 14.76 1.34
CA ALA C 185 -2.96 14.13 0.05
C ALA C 185 -1.50 13.52 -0.03
N PHE C 186 -0.54 14.22 0.53
CA PHE C 186 0.81 13.68 0.71
C PHE C 186 0.80 12.43 1.60
N LEU C 187 0.11 12.48 2.73
CA LEU C 187 -0.03 11.30 3.59
C LEU C 187 -0.65 10.13 2.85
N ALA C 188 -1.68 10.42 2.06
CA ALA C 188 -2.39 9.37 1.39
C ALA C 188 -1.47 8.69 0.33
N ALA C 189 -0.66 9.50 -0.35
CA ALA C 189 0.32 9.00 -1.31
C ALA C 189 1.28 8.02 -0.66
N MET C 190 1.80 8.41 0.48
CA MET C 190 2.65 7.51 1.26
C MET C 190 1.91 6.27 1.78
N GLU C 191 0.64 6.40 2.16
CA GLU C 191 -0.16 5.24 2.57
C GLU C 191 -0.30 4.27 1.42
N ILE C 192 -0.57 4.78 0.23
CA ILE C 192 -0.79 3.98 -0.95
C ILE C 192 0.50 3.27 -1.36
N MET C 193 1.60 4.00 -1.32
CA MET C 193 2.85 3.44 -1.72
C MET C 193 3.25 2.29 -0.81
N SER C 194 3.06 2.52 0.47
CA SER C 194 3.36 1.52 1.45
C SER C 194 2.44 0.28 1.41
N GLU C 195 1.19 0.54 1.05
CA GLU C 195 0.19 -0.48 0.86
C GLU C 195 0.42 -1.34 -0.40
N GLN C 196 0.82 -0.72 -1.50
CA GLN C 196 1.03 -1.42 -2.75
C GLN C 196 2.38 -2.17 -2.76
N PHE C 197 3.41 -1.56 -2.17
CA PHE C 197 4.79 -1.99 -2.34
C PHE C 197 5.48 -2.18 -0.98
N PRO C 198 4.98 -3.09 -0.16
CA PRO C 198 5.66 -3.32 1.09
C PRO C 198 7.13 -3.74 0.89
N GLY C 199 8.01 -3.22 1.73
CA GLY C 199 9.43 -3.57 1.64
C GLY C 199 10.25 -2.86 0.57
N ALA C 200 9.65 -1.94 -0.21
CA ALA C 200 10.36 -1.28 -1.29
C ALA C 200 11.62 -0.50 -0.88
N PHE C 201 11.69 -0.10 0.38
CA PHE C 201 12.83 0.63 0.91
C PHE C 201 13.50 -0.16 2.02
N ALA C 202 13.37 -1.50 2.00
CA ALA C 202 14.03 -2.36 3.00
C ALA C 202 15.48 -1.96 3.08
N GLY C 203 15.97 -1.72 4.27
CA GLY C 203 17.37 -1.44 4.50
C GLY C 203 17.77 0.03 4.49
N TYR C 204 16.96 0.88 3.88
CA TYR C 204 17.18 2.32 3.91
C TYR C 204 16.99 2.85 5.34
N SER C 205 17.71 3.91 5.68
CA SER C 205 17.55 4.52 7.01
C SER C 205 16.80 5.85 6.90
N LEU C 206 15.97 6.11 7.90
CA LEU C 206 15.11 7.29 7.96
C LEU C 206 15.59 8.20 9.07
N GLU C 207 15.78 9.47 8.75
CA GLU C 207 15.77 10.51 9.77
C GLU C 207 14.58 11.46 9.54
N VAL C 208 13.89 11.80 10.63
CA VAL C 208 12.71 12.64 10.60
C VAL C 208 12.95 13.85 11.47
N MET C 209 12.70 15.04 10.91
CA MET C 209 12.76 16.27 11.67
C MET C 209 11.43 17.00 11.62
N GLU C 210 11.14 17.71 12.70
CA GLU C 210 9.84 18.34 12.94
C GLU C 210 10.07 19.56 13.84
N SER C 211 9.66 20.74 13.41
CA SER C 211 9.85 21.96 14.22
C SER C 211 8.81 22.07 15.34
N HIS C 212 9.00 23.06 16.22
CA HIS C 212 8.11 23.31 17.36
C HIS C 212 6.69 23.70 16.95
N GLN C 213 6.56 24.67 16.05
CA GLN C 213 5.23 25.08 15.54
C GLN C 213 4.53 23.92 14.83
N ALA C 214 5.27 23.10 14.07
CA ALA C 214 4.70 21.92 13.41
C ALA C 214 4.15 20.88 14.40
N SER C 215 4.94 20.60 15.44
CA SER C 215 4.54 19.65 16.48
C SER C 215 3.23 20.05 17.17
N LYS C 216 3.16 21.32 17.60
CA LYS C 216 2.00 21.86 18.34
C LYS C 216 0.68 21.80 17.55
N LEU C 217 0.67 22.35 16.31
CA LEU C 217 -0.52 22.24 15.42
C LEU C 217 -0.67 20.77 15.02
N ASP C 218 -1.25 19.98 15.93
CA ASP C 218 -1.20 18.49 15.89
C ASP C 218 -0.97 17.93 14.50
N ALA C 219 0.28 18.01 14.07
CA ALA C 219 0.77 17.33 12.89
C ALA C 219 1.76 16.22 13.29
N SER C 220 1.92 15.97 14.60
CA SER C 220 2.60 14.76 15.09
C SER C 220 1.74 13.53 14.82
N GLY C 221 0.40 13.69 14.92
CA GLY C 221 -0.57 12.70 14.40
C GLY C 221 -0.18 12.33 12.97
N THR C 222 -0.12 13.37 12.15
CA THR C 222 0.25 13.27 10.74
C THR C 222 1.67 12.73 10.53
N ALA C 223 2.66 13.28 11.22
CA ALA C 223 4.03 12.73 11.19
C ALA C 223 4.10 11.23 11.60
N LYS C 224 3.40 10.84 12.67
CA LYS C 224 3.38 9.44 13.11
C LYS C 224 2.85 8.53 12.01
N ALA C 225 1.72 8.90 11.41
CA ALA C 225 1.15 8.14 10.30
C ALA C 225 2.10 8.03 9.11
N VAL C 226 2.83 9.10 8.81
CA VAL C 226 3.80 9.08 7.72
C VAL C 226 4.92 8.09 8.04
N ILE C 227 5.39 8.09 9.28
CA ILE C 227 6.46 7.18 9.72
C ILE C 227 6.02 5.72 9.61
N SER C 228 4.81 5.40 10.06
CA SER C 228 4.21 4.07 9.83
C SER C 228 4.27 3.59 8.39
N CYS C 229 4.10 4.51 7.46
CA CYS C 229 4.20 4.20 6.05
C CYS C 229 5.62 3.78 5.68
N PHE C 230 6.63 4.46 6.21
CA PHE C 230 8.02 4.09 5.90
C PHE C 230 8.38 2.74 6.50
N GLN C 231 7.92 2.48 7.72
CA GLN C 231 8.10 1.19 8.37
C GLN C 231 7.54 0.06 7.51
N LYS C 232 6.33 0.23 7.02
CA LYS C 232 5.69 -0.73 6.15
C LYS C 232 6.46 -0.87 4.81
N LEU C 233 7.16 0.19 4.43
CA LEU C 233 8.06 0.18 3.29
C LEU C 233 9.43 -0.48 3.60
N GLY C 234 9.59 -1.00 4.81
CA GLY C 234 10.73 -1.83 5.17
C GLY C 234 11.81 -1.13 5.95
N VAL C 235 11.56 0.09 6.39
CA VAL C 235 12.53 0.88 7.14
C VAL C 235 12.47 0.47 8.61
N SER C 236 13.63 0.42 9.29
CA SER C 236 13.68 0.19 10.73
C SER C 236 13.76 1.57 11.40
N TYR C 237 12.79 1.86 12.26
CA TYR C 237 12.67 3.16 12.89
C TYR C 237 11.77 3.05 14.13
N ASP C 238 12.14 3.76 15.20
CA ASP C 238 11.32 3.84 16.42
C ASP C 238 10.83 5.27 16.51
N MET C 239 9.57 5.45 16.90
CA MET C 239 8.96 6.79 17.01
C MET C 239 9.80 7.72 17.90
N ASP C 240 10.46 7.13 18.92
CA ASP C 240 11.34 7.88 19.84
C ASP C 240 12.53 8.59 19.18
N GLN C 241 12.91 8.19 17.97
CA GLN C 241 14.06 8.77 17.24
C GLN C 241 13.77 10.12 16.53
N ILE C 242 12.52 10.62 16.56
CA ILE C 242 12.16 11.89 15.89
C ILE C 242 12.93 13.03 16.52
N GLN C 243 13.55 13.89 15.71
CA GLN C 243 14.26 15.07 16.20
C GLN C 243 13.29 16.24 16.17
N LEU C 244 12.87 16.67 17.37
CA LEU C 244 12.12 17.92 17.54
C LEU C 244 13.13 19.04 17.47
N ILE C 245 12.98 19.93 16.50
CA ILE C 245 14.01 20.93 16.18
C ILE C 245 13.66 22.36 16.62
N ARG C 246 14.68 23.10 17.04
CA ARG C 246 14.53 24.47 17.53
C ARG C 246 15.01 25.52 16.52
N ASP C 247 16.19 25.30 15.92
CA ASP C 247 16.84 26.33 15.07
C ASP C 247 16.07 26.58 13.78
N PRO C 248 16.19 27.81 13.22
CA PRO C 248 15.54 28.11 11.94
C PRO C 248 16.19 27.45 10.71
N LYS C 249 17.36 26.81 10.87
CA LYS C 249 17.98 26.00 9.83
C LYS C 249 18.47 24.68 10.40
N GLN C 250 18.42 23.61 9.60
CA GLN C 250 19.05 22.36 10.00
C GLN C 250 19.66 21.59 8.84
N GLN C 251 20.72 20.87 9.15
CA GLN C 251 21.57 20.20 8.19
C GLN C 251 21.25 18.71 8.07
N ILE C 252 21.34 18.18 6.86
CA ILE C 252 21.36 16.73 6.64
C ILE C 252 22.51 16.38 5.69
N GLU C 253 22.82 15.09 5.58
CA GLU C 253 23.92 14.59 4.75
C GLU C 253 23.36 13.98 3.45
N VAL C 254 23.57 14.66 2.33
CA VAL C 254 23.12 14.17 1.00
C VAL C 254 24.32 13.69 0.17
N VAL C 255 24.52 12.36 0.13
CA VAL C 255 25.63 11.73 -0.57
C VAL C 255 26.96 12.32 -0.06
N GLY C 256 27.14 12.30 1.26
CA GLY C 256 28.37 12.82 1.88
C GLY C 256 28.59 14.32 1.79
N VAL C 257 27.52 15.09 1.56
CA VAL C 257 27.58 16.56 1.40
C VAL C 257 26.50 17.23 2.25
N PRO C 258 26.88 18.17 3.13
CA PRO C 258 25.92 18.94 3.94
C PRO C 258 24.87 19.70 3.12
N GLU C 259 23.61 19.63 3.55
CA GLU C 259 22.51 20.37 2.91
C GLU C 259 21.71 21.12 3.98
N GLU C 260 21.68 22.46 3.90
CA GLU C 260 21.01 23.30 4.90
C GLU C 260 19.54 23.42 4.51
N HIS C 261 18.65 23.18 5.47
CA HIS C 261 17.20 23.27 5.26
C HIS C 261 16.55 24.33 6.12
N VAL C 262 15.62 25.07 5.51
CA VAL C 262 14.83 26.11 6.17
C VAL C 262 13.82 25.40 7.04
N SER C 263 14.02 25.49 8.34
CA SER C 263 13.24 24.75 9.31
C SER C 263 12.43 25.67 10.26
N GLY C 264 12.19 26.90 9.83
CA GLY C 264 11.30 27.80 10.53
C GLY C 264 9.83 27.46 10.30
N HIS C 265 8.99 28.12 11.09
CA HIS C 265 7.53 27.97 11.05
C HIS C 265 7.17 26.51 11.34
N ALA C 266 6.18 25.94 10.66
CA ALA C 266 5.86 24.51 10.83
C ALA C 266 6.58 23.77 9.74
N PHE C 267 7.58 22.98 10.11
CA PHE C 267 8.45 22.28 9.17
C PHE C 267 8.44 20.78 9.45
N HIS C 268 8.39 19.98 8.39
CA HIS C 268 8.57 18.53 8.45
C HIS C 268 9.57 18.09 7.40
N LEU C 269 10.56 17.27 7.77
CA LEU C 269 11.50 16.69 6.80
C LEU C 269 11.64 15.22 7.06
N TYR C 270 11.38 14.42 6.02
CA TYR C 270 11.58 12.97 6.05
C TYR C 270 12.68 12.60 5.05
N HIS C 271 13.80 12.10 5.55
CA HIS C 271 15.02 11.85 4.73
C HIS C 271 15.35 10.36 4.79
N LEU C 272 15.38 9.72 3.62
CA LEU C 272 15.74 8.33 3.49
C LEU C 272 17.10 8.21 2.80
N THR C 273 17.92 7.28 3.29
CA THR C 273 19.27 7.02 2.75
C THR C 273 19.42 5.51 2.53
N SER C 274 19.95 5.12 1.36
CA SER C 274 20.25 3.71 1.11
C SER C 274 21.39 3.23 2.01
N PRO C 275 21.47 1.90 2.26
CA PRO C 275 22.59 1.31 3.01
C PRO C 275 23.97 1.79 2.56
N ASP C 276 24.22 1.82 1.25
CA ASP C 276 25.53 2.26 0.72
C ASP C 276 25.69 3.78 0.59
N LYS C 277 24.70 4.54 1.08
CA LYS C 277 24.72 6.02 1.08
C LYS C 277 24.67 6.69 -0.31
N THR C 278 24.49 5.92 -1.39
CA THR C 278 24.52 6.49 -2.74
C THR C 278 23.18 7.02 -3.19
N VAL C 279 22.13 6.73 -2.42
CA VAL C 279 20.76 7.18 -2.73
C VAL C 279 20.17 7.96 -1.54
N SER C 280 19.69 9.17 -1.82
CA SER C 280 18.97 10.04 -0.84
C SER C 280 17.59 10.43 -1.41
N PHE C 281 16.56 10.35 -0.57
CA PHE C 281 15.21 10.79 -0.91
C PHE C 281 14.79 11.79 0.16
N GLU C 282 14.15 12.89 -0.22
CA GLU C 282 13.61 13.83 0.74
C GLU C 282 12.15 14.17 0.43
N PHE C 283 11.36 14.28 1.50
CA PHE C 283 9.99 14.77 1.46
C PHE C 283 9.90 15.84 2.53
N GLN C 284 9.60 17.06 2.12
CA GLN C 284 9.56 18.17 3.05
C GLN C 284 8.33 19.04 2.83
N HIS C 285 7.78 19.56 3.93
CA HIS C 285 6.84 20.68 3.85
C HIS C 285 7.02 21.72 4.91
N ASN C 286 6.75 22.96 4.48
CA ASN C 286 6.81 24.15 5.34
C ASN C 286 5.46 24.87 5.25
N VAL C 287 4.91 25.21 6.41
CA VAL C 287 3.62 25.93 6.48
C VAL C 287 3.80 27.13 7.37
N CYS C 288 3.46 28.30 6.84
CA CYS C 288 3.44 29.55 7.60
C CYS C 288 1.99 29.96 7.83
N GLY C 289 1.65 30.29 9.07
CA GLY C 289 0.29 30.73 9.39
C GLY C 289 -0.74 29.64 9.25
N ARG C 290 -1.98 30.04 9.02
CA ARG C 290 -3.14 29.14 9.06
C ARG C 290 -3.99 29.06 7.76
N SER C 291 -3.56 29.76 6.73
CA SER C 291 -4.14 29.75 5.39
C SER C 291 -4.47 28.33 4.83
N ILE C 292 -3.51 27.42 4.87
CA ILE C 292 -3.75 26.05 4.35
C ILE C 292 -4.94 25.36 5.03
N TYR C 293 -5.06 25.57 6.33
CA TYR C 293 -6.14 24.96 7.13
C TYR C 293 -7.49 25.65 6.87
N ALA C 294 -7.46 26.96 6.75
CA ALA C 294 -8.63 27.75 6.37
C ALA C 294 -9.16 27.38 4.98
N GLU C 295 -8.24 27.33 4.02
CA GLU C 295 -8.60 26.98 2.65
C GLU C 295 -9.20 25.57 2.56
N GLY C 296 -8.64 24.63 3.32
CA GLY C 296 -9.18 23.28 3.36
C GLY C 296 -10.53 23.20 4.05
N THR C 297 -10.71 23.97 5.13
CA THR C 297 -11.99 24.07 5.80
C THR C 297 -13.06 24.60 4.84
N VAL C 298 -12.73 25.65 4.09
CA VAL C 298 -13.64 26.18 3.10
C VAL C 298 -13.98 25.12 2.05
N ASP C 299 -12.97 24.39 1.58
CA ASP C 299 -13.21 23.32 0.63
C ASP C 299 -14.18 22.31 1.23
N ALA C 300 -14.05 22.00 2.51
CA ALA C 300 -14.99 21.05 3.11
C ALA C 300 -16.44 21.59 3.20
N VAL C 301 -16.57 22.90 3.38
CA VAL C 301 -17.89 23.56 3.40
C VAL C 301 -18.53 23.42 2.03
N LEU C 302 -17.75 23.72 0.98
CA LEU C 302 -18.29 23.66 -0.37
C LEU C 302 -18.66 22.23 -0.71
N PHE C 303 -17.84 21.29 -0.28
CA PHE C 303 -18.11 19.87 -0.53
C PHE C 303 -19.40 19.47 0.13
N LEU C 304 -19.53 19.82 1.40
CA LEU C 304 -20.73 19.46 2.16
C LEU C 304 -22.02 20.10 1.58
N ALA C 305 -21.90 21.35 1.10
CA ALA C 305 -23.06 22.01 0.47
C ALA C 305 -23.53 21.23 -0.77
N LYS C 306 -22.58 20.73 -1.57
CA LYS C 306 -22.92 19.92 -2.75
C LYS C 306 -23.68 18.67 -2.33
N LYS C 307 -23.24 18.04 -1.24
CA LYS C 307 -23.88 16.79 -0.76
C LYS C 307 -25.29 17.01 -0.20
N ILE C 308 -25.48 18.10 0.53
CA ILE C 308 -26.80 18.47 1.06
C ILE C 308 -27.75 18.74 -0.10
N ARG C 309 -27.34 19.63 -1.02
CA ARG C 309 -28.12 19.96 -2.24
C ARG C 309 -28.54 18.74 -3.05
N SER C 310 -27.64 17.77 -3.15
CA SER C 310 -27.90 16.51 -3.84
C SER C 310 -28.64 15.46 -3.01
N LYS C 311 -28.88 15.73 -1.73
CA LYS C 311 -29.53 14.79 -0.82
C LYS C 311 -28.84 13.40 -0.75
N ALA C 312 -27.52 13.38 -0.53
CA ALA C 312 -26.73 12.12 -0.57
C ALA C 312 -26.99 11.20 0.64
N ARG C 315 -23.77 10.51 5.03
CA ARG C 315 -24.00 11.66 5.89
C ARG C 315 -22.71 12.24 6.47
N ILE C 316 -21.82 11.38 6.94
CA ILE C 316 -20.59 11.80 7.61
C ILE C 316 -19.32 11.59 6.74
N TYR C 317 -18.53 12.66 6.58
CA TYR C 317 -17.49 12.74 5.57
C TYR C 317 -16.19 13.17 6.17
N ASN C 318 -15.09 12.94 5.46
CA ASN C 318 -13.76 13.38 5.93
C ASN C 318 -13.02 14.05 4.80
N MET C 319 -11.76 14.43 5.04
CA MET C 319 -11.01 15.10 4.02
C MET C 319 -10.64 14.27 2.81
N ILE C 320 -10.59 12.93 2.95
CA ILE C 320 -10.35 12.06 1.80
C ILE C 320 -11.56 12.13 0.88
N ASP C 321 -12.76 12.15 1.46
CA ASP C 321 -14.01 12.38 0.68
C ASP C 321 -13.98 13.69 -0.12
N VAL C 322 -13.50 14.73 0.53
CA VAL C 322 -13.42 16.06 -0.08
C VAL C 322 -12.41 16.02 -1.22
N LEU C 323 -11.23 15.50 -0.93
CA LEU C 323 -10.18 15.36 -1.95
C LEU C 323 -10.62 14.61 -3.21
N ARG C 324 -11.45 13.58 -3.08
CA ARG C 324 -11.90 12.80 -4.23
C ARG C 324 -12.89 13.52 -5.12
N GLU C 325 -13.59 14.49 -4.55
CA GLU C 325 -14.59 15.24 -5.29
C GLU C 325 -13.94 16.13 -6.34
N GLY C 326 -12.68 16.52 -6.10
CA GLY C 326 -11.99 17.43 -6.98
C GLY C 326 -12.00 18.86 -6.45
N ASN C 327 -11.27 19.71 -7.16
CA ASN C 327 -11.29 21.15 -6.92
C ASN C 327 -12.70 21.68 -7.19
N MET C 328 -13.19 22.51 -6.28
CA MET C 328 -14.52 23.13 -6.39
C MET C 328 -14.47 24.63 -6.54
N ARG C 329 -13.27 25.20 -6.55
CA ARG C 329 -13.06 26.63 -6.79
C ARG C 329 -12.32 26.89 -8.08
S SO4 D . -0.52 -16.50 -12.34
O1 SO4 D . -0.19 -15.74 -13.55
O2 SO4 D . -1.79 -16.00 -11.76
O3 SO4 D . -0.66 -17.93 -12.72
O4 SO4 D . 0.56 -16.39 -11.32
S SO4 E . -27.39 35.64 24.70
O1 SO4 E . -27.95 37.00 24.47
O2 SO4 E . -28.27 34.83 25.58
O3 SO4 E . -27.35 34.89 23.44
O4 SO4 E . -26.03 35.80 25.27
#